data_8PYX
#
_entry.id   8PYX
#
_cell.length_a   82.167
_cell.length_b   96.159
_cell.length_c   87.323
_cell.angle_alpha   90.00
_cell.angle_beta   117.74
_cell.angle_gamma   90.00
#
_symmetry.space_group_name_H-M   'P 1 21 1'
#
loop_
_entity.id
_entity.type
_entity.pdbx_description
1 polymer 'Fatty-acyl-CoA synthase'
2 non-polymer 'SULFATE ION'
3 non-polymer ADENOSINE
4 water water
#
_entity_poly.entity_id   1
_entity_poly.type   'polypeptide(L)'
_entity_poly.pdbx_seq_one_letter_code
;MGYLHRVVEGLKANAGGEALVSADRRLTGAETLEEIHRTARALAAQGLRPGDGVVTLHGNGVEAVVLRIAVQLLGCRYAG
LRPVFATREKANFLAEAEAAAFVYQPDMADEAAELLREVPTPRVLSLGPAPLGEDLVALAGAQSAEPVEFTADERAATAV
GFTGGTTGRAKGVCRAPFDLEACLDASLTIFGEGPWRFLVCIPIADLGGEMAEWTLAAGGTVVLREDFEPADILATIGAE
RTTHVFCAPGWVYQLAEHPALADADLSSLTQIPYGGAPSTPARIADALEKLGRPLLVHCYGSQEGGWMTWLSAEDHVRAD
RYLLNSVGKALPGTEIAIRDQDGADLPVGTVGEVCVRSTMLMRGYWRLPELTAKTVRDGWLHTGDLGRLDTEGYLYLVDR
AKDVIIVEAYNVYSQEVEHVLTGHPDVRYAAVVGVPDHDTTEAVYAAVVPAEGVGEIDVDELRALVRTTLGPVHEPKHLD
VVDTIPTTPRGHPDKSALRTRWRAAQRA
;
_entity_poly.pdbx_strand_id   A,B
#
loop_
_chem_comp.id
_chem_comp.type
_chem_comp.name
_chem_comp.formula
ADN non-polymer ADENOSINE 'C10 H13 N5 O4'
SO4 non-polymer 'SULFATE ION' 'O4 S -2'
#
# COMPACT_ATOMS: atom_id res chain seq x y z
N MET A 1 29.82 -21.96 -9.16
CA MET A 1 29.44 -22.83 -10.33
C MET A 1 28.37 -22.16 -11.20
N GLY A 2 27.64 -21.19 -10.63
CA GLY A 2 26.37 -20.71 -11.15
C GLY A 2 25.22 -21.31 -10.34
N TYR A 3 24.26 -20.48 -9.93
CA TYR A 3 23.20 -20.94 -9.03
C TYR A 3 22.36 -22.05 -9.64
N LEU A 4 21.90 -21.85 -10.88
CA LEU A 4 21.01 -22.84 -11.48
C LEU A 4 21.74 -24.14 -11.80
N HIS A 5 23.02 -24.04 -12.14
CA HIS A 5 23.92 -25.17 -12.24
C HIS A 5 23.95 -25.93 -10.91
N ARG A 6 24.07 -25.22 -9.77
CA ARG A 6 24.11 -25.88 -8.46
C ARG A 6 22.80 -26.63 -8.21
N VAL A 7 21.67 -26.04 -8.56
CA VAL A 7 20.36 -26.66 -8.36
C VAL A 7 20.24 -27.96 -9.18
N VAL A 8 20.64 -27.88 -10.47
CA VAL A 8 20.52 -28.99 -11.42
C VAL A 8 21.47 -30.12 -11.02
N GLU A 9 22.70 -29.80 -10.60
CA GLU A 9 23.67 -30.78 -10.13
C GLU A 9 23.14 -31.52 -8.90
N GLY A 10 22.54 -30.81 -7.97
CA GLY A 10 21.89 -31.45 -6.84
C GLY A 10 20.83 -32.46 -7.29
N LEU A 11 19.96 -32.03 -8.20
CA LEU A 11 18.89 -32.90 -8.68
C LEU A 11 19.44 -34.15 -9.37
N LYS A 12 20.56 -34.00 -10.08
CA LYS A 12 21.21 -35.12 -10.76
C LYS A 12 21.87 -36.05 -9.75
N ALA A 13 22.43 -35.47 -8.69
CA ALA A 13 22.97 -36.26 -7.60
C ALA A 13 21.86 -37.07 -6.90
N ASN A 14 20.60 -36.60 -6.98
CA ASN A 14 19.46 -37.24 -6.33
C ASN A 14 18.51 -37.85 -7.38
N ALA A 15 19.04 -38.26 -8.55
CA ALA A 15 18.14 -38.58 -9.67
C ALA A 15 17.15 -39.68 -9.26
N GLY A 16 17.63 -40.70 -8.54
CA GLY A 16 16.79 -41.83 -8.14
C GLY A 16 16.15 -41.70 -6.75
N GLY A 17 16.43 -40.61 -6.03
CA GLY A 17 15.83 -40.41 -4.73
C GLY A 17 14.69 -39.40 -4.81
N GLU A 18 13.89 -39.33 -3.76
CA GLU A 18 12.80 -38.36 -3.66
C GLU A 18 13.40 -36.95 -3.59
N ALA A 19 12.80 -36.01 -4.33
CA ALA A 19 13.24 -34.61 -4.43
C ALA A 19 12.14 -33.63 -4.04
N LEU A 20 10.92 -33.79 -4.60
CA LEU A 20 9.79 -32.94 -4.26
C LEU A 20 8.64 -33.81 -3.77
N VAL A 21 8.28 -33.65 -2.50
CA VAL A 21 7.24 -34.45 -1.87
C VAL A 21 6.22 -33.51 -1.23
N SER A 22 4.95 -33.66 -1.61
CA SER A 22 3.83 -33.00 -0.96
C SER A 22 2.84 -34.05 -0.49
N ALA A 23 1.67 -33.61 -0.01
CA ALA A 23 0.59 -34.52 0.34
C ALA A 23 -0.02 -35.13 -0.93
N ASP A 24 0.18 -34.50 -2.09
CA ASP A 24 -0.51 -34.88 -3.30
C ASP A 24 0.39 -35.51 -4.37
N ARG A 25 1.70 -35.35 -4.24
CA ARG A 25 2.57 -35.73 -5.33
C ARG A 25 3.99 -35.96 -4.81
N ARG A 26 4.71 -36.91 -5.44
CA ARG A 26 6.11 -37.23 -5.04
C ARG A 26 6.96 -37.43 -6.31
N LEU A 27 7.94 -36.57 -6.54
CA LEU A 27 8.84 -36.65 -7.69
C LEU A 27 10.25 -37.00 -7.22
N THR A 28 10.91 -37.86 -8.01
CA THR A 28 12.31 -38.12 -7.85
C THR A 28 13.09 -36.92 -8.36
N GLY A 29 14.39 -36.92 -8.11
CA GLY A 29 15.30 -35.93 -8.69
C GLY A 29 15.18 -35.91 -10.20
N ALA A 30 15.19 -37.08 -10.84
CA ALA A 30 15.18 -37.12 -12.30
C ALA A 30 13.83 -36.62 -12.81
N GLU A 31 12.73 -36.98 -12.12
CA GLU A 31 11.41 -36.53 -12.56
C GLU A 31 11.32 -35.02 -12.44
N THR A 32 11.88 -34.48 -11.35
CA THR A 32 11.82 -33.06 -11.08
C THR A 32 12.55 -32.32 -12.20
N LEU A 33 13.72 -32.83 -12.57
CA LEU A 33 14.51 -32.15 -13.57
C LEU A 33 13.76 -32.13 -14.90
N GLU A 34 13.05 -33.23 -15.24
CA GLU A 34 12.33 -33.31 -16.50
C GLU A 34 11.22 -32.26 -16.55
N GLU A 35 10.44 -32.21 -15.47
CA GLU A 35 9.37 -31.22 -15.33
C GLU A 35 9.92 -29.81 -15.43
N ILE A 36 11.10 -29.56 -14.87
CA ILE A 36 11.70 -28.23 -14.93
C ILE A 36 12.05 -27.89 -16.37
N HIS A 37 12.70 -28.83 -17.05
CA HIS A 37 13.16 -28.59 -18.41
C HIS A 37 11.96 -28.36 -19.35
N ARG A 38 10.89 -29.12 -19.17
CA ARG A 38 9.80 -29.02 -20.11
C ARG A 38 8.97 -27.76 -19.79
N THR A 39 8.90 -27.39 -18.50
CA THR A 39 8.17 -26.19 -18.13
C THR A 39 8.92 -24.99 -18.67
N ALA A 40 10.25 -25.04 -18.58
CA ALA A 40 11.06 -23.96 -19.12
C ALA A 40 10.80 -23.81 -20.62
N ARG A 41 10.76 -24.93 -21.32
CA ARG A 41 10.57 -24.87 -22.80
C ARG A 41 9.18 -24.27 -23.08
N ALA A 42 8.17 -24.75 -22.36
CA ALA A 42 6.83 -24.23 -22.53
C ALA A 42 6.82 -22.71 -22.34
N LEU A 43 7.55 -22.18 -21.34
CA LEU A 43 7.55 -20.76 -21.06
C LEU A 43 8.25 -20.03 -22.21
N ALA A 44 9.33 -20.61 -22.72
CA ALA A 44 10.09 -19.98 -23.79
C ALA A 44 9.23 -19.97 -25.05
N ALA A 45 8.47 -21.06 -25.23
CA ALA A 45 7.57 -21.15 -26.39
C ALA A 45 6.44 -20.13 -26.29
N GLN A 46 6.12 -19.62 -25.08
CA GLN A 46 5.13 -18.57 -24.93
C GLN A 46 5.72 -17.20 -25.22
N GLY A 47 7.02 -17.12 -25.48
CA GLY A 47 7.64 -15.85 -25.86
C GLY A 47 8.49 -15.22 -24.75
N LEU A 48 8.51 -15.82 -23.56
CA LEU A 48 9.29 -15.27 -22.46
C LEU A 48 10.78 -15.38 -22.76
N ARG A 49 11.51 -14.29 -22.51
CA ARG A 49 12.95 -14.20 -22.72
C ARG A 49 13.63 -13.69 -21.45
N PRO A 50 14.98 -13.72 -21.37
CA PRO A 50 15.71 -13.22 -20.20
C PRO A 50 15.28 -11.83 -19.76
N GLY A 51 15.01 -11.68 -18.46
CA GLY A 51 14.69 -10.39 -17.90
C GLY A 51 13.20 -10.10 -17.90
N ASP A 52 12.40 -10.99 -18.49
CA ASP A 52 10.96 -10.76 -18.50
C ASP A 52 10.42 -11.11 -17.11
N GLY A 53 9.55 -10.24 -16.60
CA GLY A 53 8.87 -10.47 -15.33
C GLY A 53 7.82 -11.57 -15.48
N VAL A 54 7.76 -12.46 -14.48
CA VAL A 54 6.76 -13.51 -14.42
C VAL A 54 6.19 -13.52 -13.01
N VAL A 55 4.95 -13.05 -12.88
CA VAL A 55 4.33 -12.93 -11.58
C VAL A 55 3.48 -14.15 -11.37
N THR A 56 3.48 -14.65 -10.13
CA THR A 56 2.84 -15.93 -9.86
C THR A 56 1.91 -15.79 -8.68
N LEU A 57 0.93 -16.70 -8.63
CA LEU A 57 0.02 -16.77 -7.51
C LEU A 57 -0.34 -18.24 -7.28
N HIS A 58 0.31 -18.85 -6.27
CA HIS A 58 0.11 -20.25 -5.94
C HIS A 58 0.47 -20.50 -4.48
N GLY A 59 0.11 -21.69 -4.01
CA GLY A 59 0.55 -22.20 -2.73
C GLY A 59 1.85 -23.00 -2.85
N ASN A 60 1.98 -24.04 -2.03
CA ASN A 60 3.24 -24.74 -1.85
C ASN A 60 3.20 -26.14 -2.47
N GLY A 61 2.59 -26.25 -3.64
CA GLY A 61 2.53 -27.51 -4.35
C GLY A 61 3.84 -27.77 -5.10
N VAL A 62 3.99 -29.02 -5.55
CA VAL A 62 5.18 -29.46 -6.26
C VAL A 62 5.30 -28.64 -7.54
N GLU A 63 4.13 -28.40 -8.14
CA GLU A 63 4.03 -27.63 -9.38
C GLU A 63 4.64 -26.24 -9.19
N ALA A 64 4.50 -25.67 -8.00
CA ALA A 64 4.98 -24.34 -7.72
C ALA A 64 6.51 -24.28 -7.69
N VAL A 65 7.16 -25.29 -7.09
CA VAL A 65 8.61 -25.30 -7.00
C VAL A 65 9.18 -25.45 -8.40
N VAL A 66 8.59 -26.37 -9.18
CA VAL A 66 9.00 -26.62 -10.55
C VAL A 66 8.95 -25.30 -11.33
N LEU A 67 7.82 -24.60 -11.21
CA LEU A 67 7.61 -23.34 -11.91
C LEU A 67 8.69 -22.34 -11.52
N ARG A 68 8.89 -22.16 -10.21
CA ARG A 68 9.86 -21.15 -9.73
C ARG A 68 11.23 -21.40 -10.37
N ILE A 69 11.68 -22.66 -10.40
CA ILE A 69 12.99 -22.96 -10.89
C ILE A 69 13.01 -22.76 -12.40
N ALA A 70 11.93 -23.15 -13.08
CA ALA A 70 11.89 -23.07 -14.53
C ALA A 70 12.00 -21.62 -14.99
N VAL A 71 11.26 -20.74 -14.29
CA VAL A 71 11.27 -19.32 -14.65
C VAL A 71 12.69 -18.78 -14.60
N GLN A 72 13.43 -19.15 -13.54
CA GLN A 72 14.76 -18.61 -13.33
C GLN A 72 15.78 -19.27 -14.26
N LEU A 73 15.56 -20.53 -14.62
CA LEU A 73 16.42 -21.24 -15.55
C LEU A 73 16.52 -20.48 -16.87
N LEU A 74 15.39 -19.92 -17.32
CA LEU A 74 15.34 -19.09 -18.52
C LEU A 74 16.04 -17.75 -18.31
N GLY A 75 16.31 -17.36 -17.07
CA GLY A 75 16.79 -16.02 -16.79
C GLY A 75 15.67 -14.99 -16.70
N CYS A 76 14.42 -15.47 -16.59
CA CYS A 76 13.30 -14.58 -16.31
C CYS A 76 13.30 -14.18 -14.83
N ARG A 77 12.53 -13.13 -14.51
CA ARG A 77 12.41 -12.59 -13.17
C ARG A 77 11.10 -13.07 -12.52
N TYR A 78 11.23 -14.11 -11.66
CA TYR A 78 10.16 -14.65 -10.82
C TYR A 78 9.76 -13.65 -9.72
N ALA A 79 8.46 -13.37 -9.65
CA ALA A 79 7.91 -12.46 -8.66
C ALA A 79 6.68 -13.12 -8.05
N GLY A 80 6.88 -13.82 -6.95
CA GLY A 80 5.84 -14.66 -6.39
C GLY A 80 4.97 -13.87 -5.43
N LEU A 81 3.65 -13.93 -5.62
CA LEU A 81 2.73 -13.31 -4.67
C LEU A 81 2.35 -14.36 -3.65
N ARG A 82 2.50 -14.03 -2.37
CA ARG A 82 1.95 -14.83 -1.28
C ARG A 82 0.42 -14.82 -1.33
N PRO A 83 -0.24 -16.00 -1.26
CA PRO A 83 -1.70 -16.06 -1.15
C PRO A 83 -2.28 -15.22 -0.01
N VAL A 84 -1.50 -15.11 1.08
CA VAL A 84 -1.98 -14.45 2.29
C VAL A 84 -2.10 -12.94 2.06
N PHE A 85 -1.35 -12.37 1.10
CA PHE A 85 -1.41 -10.95 0.82
C PHE A 85 -2.85 -10.54 0.51
N ALA A 86 -3.22 -9.30 0.87
CA ALA A 86 -4.51 -8.77 0.48
C ALA A 86 -4.56 -8.58 -1.03
N THR A 87 -5.74 -8.81 -1.62
CA THR A 87 -5.93 -8.72 -3.05
C THR A 87 -5.39 -7.38 -3.56
N ARG A 88 -5.62 -6.32 -2.78
CA ARG A 88 -5.23 -4.98 -3.19
C ARG A 88 -3.70 -4.87 -3.19
N GLU A 89 -3.03 -5.46 -2.18
CA GLU A 89 -1.58 -5.48 -2.11
C GLU A 89 -1.00 -6.28 -3.29
N LYS A 90 -1.65 -7.40 -3.62
CA LYS A 90 -1.31 -8.18 -4.81
C LYS A 90 -1.37 -7.33 -6.08
N ALA A 91 -2.49 -6.63 -6.29
CA ALA A 91 -2.66 -5.81 -7.48
C ALA A 91 -1.52 -4.81 -7.61
N ASN A 92 -1.19 -4.19 -6.47
CA ASN A 92 -0.14 -3.18 -6.44
C ASN A 92 1.18 -3.80 -6.88
N PHE A 93 1.52 -4.97 -6.33
CA PHE A 93 2.75 -5.64 -6.72
C PHE A 93 2.70 -6.00 -8.21
N LEU A 94 1.57 -6.56 -8.64
CA LEU A 94 1.42 -6.94 -10.04
C LEU A 94 1.62 -5.73 -10.96
N ALA A 95 0.96 -4.60 -10.65
CA ALA A 95 1.10 -3.37 -11.43
C ALA A 95 2.57 -2.93 -11.52
N GLU A 96 3.28 -3.02 -10.39
CA GLU A 96 4.66 -2.54 -10.31
C GLU A 96 5.64 -3.45 -11.05
N ALA A 97 5.23 -4.69 -11.38
CA ALA A 97 6.15 -5.77 -11.74
C ALA A 97 6.60 -5.71 -13.20
N GLU A 98 5.91 -4.93 -14.04
CA GLU A 98 6.21 -4.90 -15.47
C GLU A 98 6.12 -6.34 -16.00
N ALA A 99 5.02 -7.02 -15.63
CA ALA A 99 4.87 -8.43 -15.90
C ALA A 99 4.72 -8.72 -17.40
N ALA A 100 5.49 -9.70 -17.90
CA ALA A 100 5.34 -10.30 -19.21
C ALA A 100 4.45 -11.55 -19.17
N ALA A 101 4.18 -12.06 -17.96
CA ALA A 101 3.31 -13.22 -17.81
C ALA A 101 2.75 -13.25 -16.40
N PHE A 102 1.61 -13.93 -16.22
CA PHE A 102 1.00 -14.14 -14.93
C PHE A 102 0.62 -15.62 -14.81
N VAL A 103 1.21 -16.31 -13.82
CA VAL A 103 0.99 -17.74 -13.67
C VAL A 103 0.28 -18.00 -12.35
N TYR A 104 -0.88 -18.66 -12.40
CA TYR A 104 -1.76 -18.81 -11.25
C TYR A 104 -2.18 -20.27 -11.09
N GLN A 105 -2.50 -20.61 -9.84
CA GLN A 105 -3.03 -21.90 -9.46
C GLN A 105 -4.53 -21.92 -9.74
N PRO A 106 -5.06 -22.98 -10.41
CA PRO A 106 -6.48 -23.02 -10.82
C PRO A 106 -7.48 -22.68 -9.71
N ASP A 107 -7.29 -23.32 -8.56
CA ASP A 107 -7.97 -23.10 -7.30
C ASP A 107 -8.24 -21.61 -7.01
N MET A 108 -7.42 -20.73 -7.61
CA MET A 108 -7.35 -19.34 -7.21
C MET A 108 -7.81 -18.43 -8.36
N ALA A 109 -8.61 -18.99 -9.28
CA ALA A 109 -8.92 -18.33 -10.54
C ALA A 109 -9.76 -17.06 -10.33
N ASP A 110 -10.69 -17.12 -9.36
CA ASP A 110 -11.49 -15.97 -8.98
C ASP A 110 -10.58 -14.75 -8.77
N GLU A 111 -9.66 -14.85 -7.80
CA GLU A 111 -8.78 -13.75 -7.47
C GLU A 111 -7.86 -13.40 -8.64
N ALA A 112 -7.39 -14.41 -9.37
CA ALA A 112 -6.63 -14.13 -10.58
C ALA A 112 -7.40 -13.18 -11.51
N ALA A 113 -8.73 -13.38 -11.60
CA ALA A 113 -9.61 -12.60 -12.48
C ALA A 113 -9.67 -11.15 -12.02
N GLU A 114 -9.95 -10.94 -10.74
CA GLU A 114 -9.89 -9.63 -10.11
C GLU A 114 -8.58 -8.91 -10.45
N LEU A 115 -7.45 -9.62 -10.32
CA LEU A 115 -6.15 -9.01 -10.45
C LEU A 115 -5.91 -8.59 -11.90
N LEU A 116 -6.26 -9.46 -12.84
CA LEU A 116 -5.92 -9.23 -14.23
C LEU A 116 -6.86 -8.17 -14.83
N ARG A 117 -8.05 -8.04 -14.22
CA ARG A 117 -8.97 -6.95 -14.51
C ARG A 117 -8.36 -5.61 -14.11
N GLU A 118 -7.71 -5.56 -12.94
CA GLU A 118 -7.00 -4.38 -12.50
C GLU A 118 -5.76 -4.14 -13.36
N VAL A 119 -5.00 -5.21 -13.65
CA VAL A 119 -3.70 -5.09 -14.28
C VAL A 119 -3.64 -6.11 -15.42
N PRO A 120 -4.17 -5.77 -16.63
CA PRO A 120 -4.16 -6.70 -17.76
C PRO A 120 -2.71 -7.09 -18.05
N THR A 121 -2.51 -8.38 -18.29
CA THR A 121 -1.16 -8.92 -18.40
C THR A 121 -1.12 -9.83 -19.61
N PRO A 122 -0.06 -9.80 -20.44
CA PRO A 122 0.06 -10.81 -21.48
C PRO A 122 0.32 -12.16 -20.81
N ARG A 123 0.28 -13.23 -21.60
CA ARG A 123 0.66 -14.57 -21.18
C ARG A 123 0.13 -14.89 -19.79
N VAL A 124 -1.19 -15.07 -19.72
CA VAL A 124 -1.85 -15.62 -18.55
C VAL A 124 -1.81 -17.13 -18.65
N LEU A 125 -1.29 -17.80 -17.61
CA LEU A 125 -1.01 -19.23 -17.64
C LEU A 125 -1.48 -19.82 -16.33
N SER A 126 -2.07 -21.03 -16.37
CA SER A 126 -2.57 -21.70 -15.19
C SER A 126 -1.76 -22.96 -14.87
N LEU A 127 -1.70 -23.35 -13.58
CA LEU A 127 -1.01 -24.58 -13.20
C LEU A 127 -2.01 -25.74 -13.22
N GLY A 128 -2.45 -26.09 -14.44
CA GLY A 128 -3.55 -27.03 -14.61
C GLY A 128 -4.79 -26.38 -15.24
N PRO A 129 -5.90 -27.13 -15.39
CA PRO A 129 -7.07 -26.65 -16.13
C PRO A 129 -7.83 -25.58 -15.34
N ALA A 130 -8.19 -24.47 -16.01
CA ALA A 130 -8.74 -23.32 -15.33
C ALA A 130 -9.40 -22.38 -16.36
N PRO A 131 -10.30 -21.46 -15.93
CA PRO A 131 -10.95 -20.51 -16.84
C PRO A 131 -10.09 -19.57 -17.70
N LEU A 132 -8.94 -19.11 -17.20
CA LEU A 132 -8.27 -17.96 -17.81
C LEU A 132 -6.91 -18.38 -18.38
N GLY A 133 -6.58 -17.82 -19.53
CA GLY A 133 -5.32 -18.08 -20.20
C GLY A 133 -5.18 -19.56 -20.54
N GLU A 134 -3.94 -20.02 -20.78
CA GLU A 134 -3.69 -21.40 -21.13
C GLU A 134 -3.14 -22.20 -19.94
N ASP A 135 -3.20 -23.52 -20.09
CA ASP A 135 -2.81 -24.49 -19.08
C ASP A 135 -1.34 -24.85 -19.28
N LEU A 136 -0.47 -24.27 -18.42
CA LEU A 136 0.97 -24.42 -18.55
C LEU A 136 1.37 -25.88 -18.39
N VAL A 137 0.73 -26.61 -17.44
CA VAL A 137 1.12 -27.99 -17.17
C VAL A 137 0.81 -28.86 -18.39
N ALA A 138 -0.33 -28.61 -19.06
CA ALA A 138 -0.62 -29.23 -20.35
C ALA A 138 0.48 -28.95 -21.36
N LEU A 139 0.80 -27.67 -21.55
CA LEU A 139 1.82 -27.25 -22.50
C LEU A 139 3.18 -27.87 -22.17
N ALA A 140 3.53 -27.94 -20.87
CA ALA A 140 4.81 -28.50 -20.49
C ALA A 140 4.78 -29.99 -20.80
N GLY A 141 3.64 -30.63 -20.49
CA GLY A 141 3.38 -32.04 -20.76
C GLY A 141 3.80 -32.45 -22.16
N ALA A 142 3.68 -31.52 -23.12
CA ALA A 142 3.85 -31.83 -24.52
C ALA A 142 5.17 -31.28 -25.05
N GLN A 143 6.10 -30.85 -24.20
CA GLN A 143 7.39 -30.47 -24.74
C GLN A 143 8.41 -31.58 -24.51
N SER A 144 9.60 -31.42 -25.09
CA SER A 144 10.73 -32.28 -24.79
C SER A 144 11.31 -31.88 -23.44
N ALA A 145 11.91 -32.87 -22.76
CA ALA A 145 12.63 -32.66 -21.51
C ALA A 145 14.13 -32.56 -21.78
N GLU A 146 14.50 -32.23 -23.03
CA GLU A 146 15.92 -32.03 -23.32
C GLU A 146 16.45 -30.93 -22.40
N PRO A 147 17.59 -31.09 -21.71
CA PRO A 147 18.06 -30.04 -20.80
C PRO A 147 18.03 -28.62 -21.41
N VAL A 148 17.70 -27.63 -20.57
CA VAL A 148 17.86 -26.22 -20.92
C VAL A 148 18.97 -25.66 -20.04
N GLU A 149 20.04 -25.12 -20.67
CA GLU A 149 21.18 -24.57 -19.95
C GLU A 149 20.90 -23.12 -19.56
N PHE A 150 21.34 -22.74 -18.37
CA PHE A 150 21.32 -21.36 -17.94
C PHE A 150 22.45 -20.61 -18.64
N THR A 151 22.12 -19.54 -19.38
CA THR A 151 23.11 -18.79 -20.16
C THR A 151 23.02 -17.30 -19.90
N ALA A 152 22.06 -16.89 -19.06
CA ALA A 152 21.82 -15.49 -18.75
C ALA A 152 22.90 -14.99 -17.81
N ASP A 153 22.83 -13.70 -17.45
CA ASP A 153 23.82 -13.04 -16.64
C ASP A 153 23.63 -13.49 -15.18
N GLU A 154 24.66 -14.12 -14.61
CA GLU A 154 24.62 -14.57 -13.23
C GLU A 154 24.25 -13.43 -12.29
N ARG A 155 24.48 -12.19 -12.74
CA ARG A 155 24.32 -11.00 -11.92
C ARG A 155 22.95 -10.33 -12.09
N ALA A 156 22.16 -10.71 -13.11
CA ALA A 156 20.86 -10.07 -13.33
C ALA A 156 19.82 -10.80 -12.47
N ALA A 157 18.86 -10.03 -11.94
CA ALA A 157 17.91 -10.54 -10.95
C ALA A 157 16.98 -11.57 -11.58
N THR A 158 16.75 -12.69 -10.87
CA THR A 158 15.85 -13.71 -11.37
C THR A 158 14.70 -13.90 -10.39
N ALA A 159 14.72 -13.17 -9.26
CA ALA A 159 13.66 -13.33 -8.26
C ALA A 159 13.45 -12.02 -7.49
N VAL A 160 12.17 -11.82 -7.13
CA VAL A 160 11.71 -10.67 -6.41
C VAL A 160 10.83 -11.19 -5.27
N GLY A 161 11.27 -10.96 -4.03
CA GLY A 161 10.51 -11.33 -2.84
C GLY A 161 9.87 -10.10 -2.20
N PHE A 162 8.55 -10.17 -1.97
CA PHE A 162 7.78 -9.06 -1.43
C PHE A 162 7.64 -9.19 0.08
N THR A 163 7.97 -8.09 0.78
CA THR A 163 8.01 -8.01 2.24
C THR A 163 9.48 -7.98 2.70
N GLY A 164 10.27 -7.11 2.05
CA GLY A 164 11.44 -6.50 2.68
C GLY A 164 11.09 -5.09 3.17
N GLY A 165 12.02 -4.46 3.90
CA GLY A 165 11.88 -3.07 4.31
C GLY A 165 11.55 -2.93 5.80
N THR A 166 12.21 -1.95 6.45
CA THR A 166 12.25 -1.82 7.89
C THR A 166 11.46 -0.57 8.34
N ALA A 170 6.40 -2.14 2.05
CA ALA A 170 5.95 -3.03 0.95
C ALA A 170 7.15 -3.85 0.44
N LYS A 171 7.72 -3.39 -0.69
CA LYS A 171 9.10 -3.62 -1.12
C LYS A 171 9.30 -5.04 -1.67
N GLY A 172 9.58 -5.07 -2.98
CA GLY A 172 10.14 -6.25 -3.61
C GLY A 172 11.67 -6.19 -3.53
N VAL A 173 12.27 -7.32 -3.13
CA VAL A 173 13.72 -7.43 -2.96
C VAL A 173 14.23 -8.27 -4.11
N CYS A 174 15.08 -7.70 -4.98
CA CYS A 174 15.61 -8.41 -6.11
C CYS A 174 16.85 -9.22 -5.70
N ARG A 175 16.89 -10.46 -6.22
CA ARG A 175 17.99 -11.39 -6.02
C ARG A 175 18.43 -11.99 -7.35
N ALA A 176 19.75 -11.98 -7.57
CA ALA A 176 20.34 -12.61 -8.74
C ALA A 176 20.98 -13.95 -8.37
N PRO A 177 21.20 -14.85 -9.35
CA PRO A 177 21.92 -16.10 -9.11
C PRO A 177 23.17 -15.96 -8.25
N PHE A 178 23.95 -14.89 -8.49
CA PHE A 178 25.17 -14.66 -7.73
C PHE A 178 24.89 -14.66 -6.22
N ASP A 179 23.99 -13.78 -5.77
CA ASP A 179 23.70 -13.65 -4.35
C ASP A 179 22.95 -14.89 -3.84
N LEU A 180 22.14 -15.52 -4.70
CA LEU A 180 21.44 -16.74 -4.35
C LEU A 180 22.43 -17.88 -4.09
N GLU A 181 23.51 -17.98 -4.86
CA GLU A 181 24.46 -19.06 -4.66
C GLU A 181 25.17 -18.84 -3.33
N ALA A 182 25.43 -17.58 -2.99
CA ALA A 182 26.09 -17.24 -1.75
C ALA A 182 25.15 -17.59 -0.59
N CYS A 183 23.86 -17.37 -0.75
CA CYS A 183 22.89 -17.77 0.27
C CYS A 183 22.88 -19.28 0.42
N LEU A 184 22.99 -20.01 -0.71
CA LEU A 184 23.08 -21.48 -0.69
C LEU A 184 24.26 -21.93 0.15
N ASP A 185 25.44 -21.33 -0.13
CA ASP A 185 26.68 -21.68 0.56
C ASP A 185 26.55 -21.43 2.06
N ALA A 186 25.96 -20.31 2.43
CA ALA A 186 25.72 -20.00 3.82
C ALA A 186 24.75 -21.02 4.45
N SER A 187 23.74 -21.49 3.71
CA SER A 187 22.75 -22.39 4.28
CA SER A 187 22.74 -22.40 4.27
C SER A 187 23.39 -23.74 4.62
N LEU A 188 24.41 -24.11 3.82
CA LEU A 188 25.16 -25.34 4.06
C LEU A 188 25.97 -25.20 5.37
N THR A 189 26.44 -23.99 5.69
CA THR A 189 27.14 -23.74 6.94
C THR A 189 26.18 -23.87 8.13
N ILE A 190 24.96 -23.37 7.98
CA ILE A 190 23.99 -23.31 9.07
C ILE A 190 23.40 -24.70 9.26
N PHE A 191 22.84 -25.26 8.17
CA PHE A 191 22.01 -26.46 8.21
C PHE A 191 22.87 -27.73 8.19
N GLY A 192 24.17 -27.57 7.92
CA GLY A 192 25.06 -28.70 7.71
C GLY A 192 25.03 -29.18 6.26
N GLU A 193 25.93 -30.10 5.93
CA GLU A 193 26.04 -30.65 4.60
C GLU A 193 24.75 -31.36 4.24
N GLY A 194 24.43 -31.29 2.96
CA GLY A 194 23.34 -32.05 2.39
C GLY A 194 23.72 -33.53 2.27
N PRO A 195 22.79 -34.40 1.85
CA PRO A 195 21.41 -34.01 1.60
C PRO A 195 20.57 -33.88 2.88
N TRP A 196 19.59 -32.98 2.84
CA TRP A 196 18.60 -32.81 3.88
C TRP A 196 17.28 -33.41 3.41
N ARG A 197 16.40 -33.72 4.38
CA ARG A 197 14.99 -33.85 4.06
C ARG A 197 14.30 -32.71 4.81
N PHE A 198 13.99 -31.66 4.04
CA PHE A 198 13.76 -30.33 4.60
C PHE A 198 12.27 -30.02 4.51
N LEU A 199 11.62 -29.88 5.67
CA LEU A 199 10.20 -29.57 5.75
C LEU A 199 10.02 -28.06 5.59
N VAL A 200 9.53 -27.67 4.43
CA VAL A 200 9.22 -26.30 4.05
C VAL A 200 7.72 -26.11 4.21
N CYS A 201 7.33 -25.27 5.19
CA CYS A 201 5.93 -24.92 5.39
C CYS A 201 5.81 -23.40 5.35
N ILE A 202 6.72 -22.80 4.58
CA ILE A 202 6.78 -21.37 4.35
C ILE A 202 6.53 -21.15 2.87
N PRO A 203 5.90 -20.03 2.46
CA PRO A 203 5.53 -19.84 1.06
C PRO A 203 6.66 -19.98 0.03
N ILE A 204 6.35 -20.74 -1.03
CA ILE A 204 7.22 -20.97 -2.16
C ILE A 204 7.36 -19.68 -2.95
N ALA A 205 6.39 -18.77 -2.79
CA ALA A 205 6.43 -17.44 -3.36
C ALA A 205 7.72 -16.70 -3.02
N ASP A 206 8.30 -16.92 -1.83
CA ASP A 206 9.56 -16.28 -1.46
C ASP A 206 10.43 -17.26 -0.68
N LEU A 207 10.52 -17.11 0.65
CA LEU A 207 11.59 -17.72 1.41
C LEU A 207 11.51 -19.24 1.33
N GLY A 208 10.30 -19.79 1.41
CA GLY A 208 10.12 -21.22 1.22
C GLY A 208 10.71 -21.71 -0.12
N GLY A 209 10.54 -20.89 -1.16
CA GLY A 209 11.01 -21.24 -2.50
C GLY A 209 12.54 -21.31 -2.56
N GLU A 210 13.19 -20.37 -1.87
CA GLU A 210 14.65 -20.35 -1.75
C GLU A 210 15.14 -21.58 -1.02
N MET A 211 14.50 -21.90 0.11
CA MET A 211 14.90 -23.04 0.90
C MET A 211 14.74 -24.33 0.11
N ALA A 212 13.70 -24.42 -0.72
CA ALA A 212 13.46 -25.56 -1.57
C ALA A 212 14.59 -25.68 -2.59
N GLU A 213 14.94 -24.56 -3.20
CA GLU A 213 16.06 -24.52 -4.14
C GLU A 213 17.35 -25.03 -3.47
N TRP A 214 17.66 -24.51 -2.28
CA TRP A 214 18.89 -24.90 -1.60
C TRP A 214 18.88 -26.40 -1.30
N THR A 215 17.74 -26.89 -0.85
CA THR A 215 17.58 -28.30 -0.50
C THR A 215 17.90 -29.17 -1.72
N LEU A 216 17.29 -28.84 -2.85
CA LEU A 216 17.48 -29.60 -4.07
C LEU A 216 18.95 -29.53 -4.48
N ALA A 217 19.56 -28.34 -4.34
CA ALA A 217 20.91 -28.09 -4.81
C ALA A 217 21.93 -28.92 -4.03
N ALA A 218 21.66 -29.13 -2.74
CA ALA A 218 22.50 -29.94 -1.87
C ALA A 218 22.12 -31.42 -1.94
N GLY A 219 21.26 -31.78 -2.90
CA GLY A 219 21.00 -33.17 -3.23
C GLY A 219 19.87 -33.78 -2.39
N GLY A 220 19.00 -32.94 -1.83
CA GLY A 220 18.03 -33.41 -0.83
C GLY A 220 16.59 -33.46 -1.31
N THR A 221 15.70 -33.72 -0.33
CA THR A 221 14.27 -33.78 -0.54
C THR A 221 13.52 -32.62 0.12
N VAL A 222 12.65 -31.95 -0.64
CA VAL A 222 11.78 -30.93 -0.09
C VAL A 222 10.46 -31.58 0.29
N VAL A 223 10.07 -31.44 1.56
CA VAL A 223 8.80 -31.96 2.03
C VAL A 223 7.88 -30.75 2.26
N LEU A 224 6.82 -30.65 1.46
CA LEU A 224 6.04 -29.43 1.36
C LEU A 224 4.76 -29.54 2.18
N ARG A 225 4.47 -28.44 2.90
CA ARG A 225 3.17 -28.20 3.52
C ARG A 225 2.74 -26.76 3.23
N GLU A 226 1.41 -26.50 3.25
CA GLU A 226 0.88 -25.19 2.89
C GLU A 226 1.17 -24.15 3.98
N ASP A 227 1.30 -24.59 5.22
CA ASP A 227 1.43 -23.71 6.36
C ASP A 227 1.82 -24.56 7.57
N PHE A 228 2.03 -23.90 8.71
CA PHE A 228 2.39 -24.57 9.92
C PHE A 228 1.13 -24.89 10.76
N GLU A 229 0.92 -26.16 11.04
CA GLU A 229 -0.03 -26.58 12.06
C GLU A 229 0.68 -27.65 12.88
N PRO A 230 0.83 -27.46 14.20
CA PRO A 230 1.75 -28.27 14.98
C PRO A 230 1.53 -29.78 14.94
N ALA A 231 0.26 -30.23 15.01
CA ALA A 231 -0.02 -31.67 14.94
C ALA A 231 0.40 -32.23 13.58
N ASP A 232 0.05 -31.56 12.48
CA ASP A 232 0.47 -32.03 11.17
C ASP A 232 2.01 -32.12 11.11
N ILE A 233 2.70 -31.09 11.64
CA ILE A 233 4.15 -31.02 11.49
C ILE A 233 4.80 -32.14 12.30
N LEU A 234 4.31 -32.38 13.51
CA LEU A 234 4.83 -33.47 14.33
C LEU A 234 4.62 -34.80 13.61
N ALA A 235 3.47 -35.01 12.98
CA ALA A 235 3.20 -36.24 12.26
C ALA A 235 4.14 -36.34 11.06
N THR A 236 4.27 -35.25 10.31
CA THR A 236 5.07 -35.20 9.10
C THR A 236 6.55 -35.51 9.37
N ILE A 237 7.09 -35.02 10.48
CA ILE A 237 8.49 -35.24 10.84
C ILE A 237 8.76 -36.74 10.90
N GLY A 238 7.85 -37.46 11.58
CA GLY A 238 7.95 -38.91 11.69
C GLY A 238 7.67 -39.63 10.37
N ALA A 239 6.54 -39.32 9.74
CA ALA A 239 6.14 -40.03 8.54
C ALA A 239 7.13 -39.78 7.41
N GLU A 240 7.66 -38.55 7.26
CA GLU A 240 8.51 -38.22 6.12
C GLU A 240 9.99 -38.21 6.52
N ARG A 241 10.26 -38.46 7.81
CA ARG A 241 11.62 -38.63 8.28
C ARG A 241 12.43 -37.36 7.98
N THR A 242 11.90 -36.20 8.36
CA THR A 242 12.57 -34.94 8.02
C THR A 242 13.82 -34.78 8.87
N THR A 243 14.88 -34.20 8.28
CA THR A 243 16.06 -33.83 9.05
C THR A 243 15.96 -32.39 9.56
N HIS A 244 15.15 -31.55 8.92
CA HIS A 244 15.07 -30.14 9.27
C HIS A 244 13.63 -29.65 9.13
N VAL A 245 13.25 -28.68 9.96
CA VAL A 245 12.03 -27.94 9.71
C VAL A 245 12.30 -26.50 10.15
N PHE A 246 12.18 -25.56 9.20
CA PHE A 246 12.44 -24.16 9.51
C PHE A 246 11.21 -23.54 10.18
N CYS A 247 11.43 -22.90 11.34
CA CYS A 247 10.33 -22.41 12.16
C CYS A 247 10.48 -20.92 12.49
N ALA A 248 9.35 -20.21 12.53
CA ALA A 248 9.23 -19.01 13.36
C ALA A 248 9.36 -19.41 14.82
N PRO A 249 9.89 -18.54 15.70
CA PRO A 249 10.10 -18.90 17.10
C PRO A 249 8.82 -19.43 17.78
N GLY A 250 7.68 -18.81 17.50
CA GLY A 250 6.42 -19.23 18.09
C GLY A 250 6.04 -20.65 17.68
N TRP A 251 6.40 -21.04 16.44
CA TRP A 251 6.16 -22.40 16.02
C TRP A 251 6.92 -23.37 16.91
N VAL A 252 8.19 -23.04 17.21
CA VAL A 252 9.00 -23.87 18.08
C VAL A 252 8.23 -24.14 19.38
N TYR A 253 7.67 -23.10 19.99
CA TYR A 253 7.06 -23.27 21.31
C TYR A 253 5.80 -24.14 21.15
N GLN A 254 5.09 -24.02 20.03
CA GLN A 254 3.90 -24.82 19.76
C GLN A 254 4.22 -26.31 19.62
N LEU A 255 5.34 -26.64 18.97
CA LEU A 255 5.78 -28.03 18.83
C LEU A 255 6.13 -28.58 20.21
N ALA A 256 6.90 -27.82 20.98
CA ALA A 256 7.45 -28.32 22.23
C ALA A 256 6.34 -28.51 23.27
N GLU A 257 5.24 -27.76 23.14
CA GLU A 257 4.18 -27.74 24.15
C GLU A 257 3.01 -28.61 23.73
N HIS A 258 3.01 -29.13 22.49
CA HIS A 258 1.85 -29.86 21.99
C HIS A 258 1.68 -31.21 22.72
N PRO A 259 0.44 -31.62 23.06
CA PRO A 259 0.23 -32.91 23.74
C PRO A 259 0.68 -34.13 22.94
N ALA A 260 0.60 -34.03 21.62
CA ALA A 260 1.02 -35.09 20.70
C ALA A 260 2.55 -35.26 20.61
N LEU A 261 3.33 -34.48 21.38
CA LEU A 261 4.79 -34.51 21.23
C LEU A 261 5.31 -35.87 21.70
N ALA A 262 4.81 -36.31 22.87
CA ALA A 262 5.13 -37.60 23.46
C ALA A 262 5.05 -38.74 22.43
N ASP A 263 4.02 -38.74 21.58
CA ASP A 263 3.77 -39.83 20.65
C ASP A 263 4.52 -39.64 19.33
N ALA A 264 5.07 -38.45 19.09
CA ALA A 264 5.66 -38.16 17.80
C ALA A 264 7.06 -38.77 17.77
N ASP A 265 7.57 -39.02 16.56
CA ASP A 265 8.90 -39.55 16.41
C ASP A 265 9.79 -38.47 15.81
N LEU A 266 10.68 -37.90 16.63
CA LEU A 266 11.51 -36.78 16.21
C LEU A 266 12.93 -37.24 15.93
N SER A 267 13.18 -38.56 15.99
CA SER A 267 14.52 -39.12 15.93
C SER A 267 15.24 -38.77 14.63
N SER A 268 14.51 -38.51 13.53
CA SER A 268 15.18 -38.20 12.26
C SER A 268 15.75 -36.78 12.19
N LEU A 269 15.25 -35.88 13.06
CA LEU A 269 15.67 -34.48 13.03
C LEU A 269 17.15 -34.35 13.37
N THR A 270 17.87 -33.59 12.52
CA THR A 270 19.18 -33.09 12.86
C THR A 270 19.03 -31.69 13.47
N GLN A 271 18.06 -30.88 13.02
CA GLN A 271 17.93 -29.50 13.43
C GLN A 271 16.51 -29.00 13.33
N ILE A 272 16.21 -28.05 14.21
CA ILE A 272 15.05 -27.20 14.04
C ILE A 272 15.57 -25.78 13.94
N PRO A 273 15.94 -25.29 12.75
CA PRO A 273 16.43 -23.92 12.64
C PRO A 273 15.22 -23.01 12.81
N TYR A 274 15.42 -21.88 13.47
CA TYR A 274 14.33 -20.95 13.68
C TYR A 274 14.84 -19.51 13.58
N GLY A 275 13.93 -18.61 13.21
CA GLY A 275 14.13 -17.18 13.29
C GLY A 275 13.05 -16.42 12.53
N GLY A 276 13.35 -15.18 12.17
CA GLY A 276 12.46 -14.34 11.37
C GLY A 276 11.77 -13.28 12.22
N ALA A 277 11.58 -13.59 13.50
CA ALA A 277 10.94 -12.74 14.49
C ALA A 277 11.70 -12.90 15.81
N PRO A 278 11.66 -11.94 16.76
CA PRO A 278 12.41 -12.07 18.02
C PRO A 278 12.00 -13.31 18.82
N SER A 279 12.98 -14.12 19.24
CA SER A 279 12.66 -15.23 20.12
C SER A 279 12.43 -14.72 21.54
N THR A 280 11.79 -15.53 22.38
CA THR A 280 11.73 -15.27 23.81
C THR A 280 12.68 -16.25 24.47
N PRO A 281 13.83 -15.82 25.00
CA PRO A 281 14.83 -16.76 25.48
C PRO A 281 14.32 -17.86 26.42
N ALA A 282 13.51 -17.50 27.41
CA ALA A 282 13.08 -18.49 28.41
C ALA A 282 12.19 -19.56 27.78
N ARG A 283 11.41 -19.17 26.78
CA ARG A 283 10.58 -20.10 26.02
C ARG A 283 11.42 -21.02 25.15
N ILE A 284 12.50 -20.52 24.54
CA ILE A 284 13.48 -21.38 23.87
C ILE A 284 14.15 -22.34 24.85
N ALA A 285 14.47 -21.88 26.06
CA ALA A 285 15.05 -22.75 27.07
C ALA A 285 14.08 -23.89 27.42
N ASP A 286 12.79 -23.59 27.57
CA ASP A 286 11.79 -24.64 27.85
C ASP A 286 11.67 -25.62 26.69
N ALA A 287 11.78 -25.10 25.44
CA ALA A 287 11.68 -25.95 24.26
C ALA A 287 12.85 -26.93 24.17
N LEU A 288 14.07 -26.46 24.48
CA LEU A 288 15.25 -27.31 24.54
C LEU A 288 14.95 -28.53 25.41
N GLU A 289 14.48 -28.24 26.61
CA GLU A 289 14.30 -29.25 27.64
C GLU A 289 13.23 -30.23 27.16
N LYS A 290 12.12 -29.69 26.64
CA LYS A 290 11.01 -30.51 26.19
C LYS A 290 11.41 -31.36 24.98
N LEU A 291 12.25 -30.83 24.08
CA LEU A 291 12.67 -31.60 22.93
C LEU A 291 13.73 -32.62 23.33
N GLY A 292 14.56 -32.26 24.32
CA GLY A 292 15.39 -33.26 24.98
C GLY A 292 16.77 -33.40 24.35
N ARG A 293 17.03 -32.66 23.29
CA ARG A 293 18.35 -32.67 22.71
C ARG A 293 18.57 -31.38 21.94
N PRO A 294 19.85 -31.02 21.68
CA PRO A 294 20.20 -29.74 21.06
C PRO A 294 19.80 -29.68 19.60
N LEU A 295 18.55 -29.37 19.32
CA LEU A 295 18.07 -29.33 17.94
C LEU A 295 18.03 -27.90 17.41
N LEU A 296 17.91 -26.94 18.33
CA LEU A 296 17.55 -25.57 17.94
C LEU A 296 18.80 -24.82 17.44
N VAL A 297 18.63 -24.19 16.28
CA VAL A 297 19.64 -23.33 15.68
C VAL A 297 19.00 -21.98 15.36
N HIS A 298 19.53 -20.89 15.93
CA HIS A 298 18.93 -19.58 15.76
C HIS A 298 19.52 -18.90 14.52
N CYS A 299 18.65 -18.48 13.60
CA CYS A 299 19.06 -17.89 12.34
C CYS A 299 18.57 -16.45 12.24
N TYR A 300 19.53 -15.54 11.99
CA TYR A 300 19.25 -14.14 11.78
C TYR A 300 19.60 -13.80 10.34
N GLY A 301 18.55 -13.40 9.61
CA GLY A 301 18.66 -13.05 8.20
C GLY A 301 17.55 -12.10 7.78
N SER A 302 17.65 -11.60 6.55
CA SER A 302 16.58 -10.80 5.97
C SER A 302 16.65 -11.00 4.47
N GLN A 303 15.58 -10.64 3.77
CA GLN A 303 15.56 -10.74 2.33
CA GLN A 303 15.54 -10.72 2.32
C GLN A 303 16.66 -9.86 1.74
N GLU A 304 16.92 -8.69 2.36
CA GLU A 304 17.94 -7.76 1.89
C GLU A 304 19.36 -8.30 2.11
N GLY A 305 19.56 -8.95 3.26
CA GLY A 305 20.90 -9.24 3.77
C GLY A 305 21.30 -10.71 3.61
N GLY A 306 20.38 -11.58 3.23
CA GLY A 306 20.68 -13.00 3.31
C GLY A 306 20.80 -13.43 4.77
N TRP A 307 21.58 -14.50 5.02
CA TRP A 307 21.90 -14.94 6.36
C TRP A 307 23.01 -14.06 6.93
N MET A 308 22.81 -13.54 8.14
CA MET A 308 23.74 -12.59 8.74
C MET A 308 24.49 -13.23 9.89
N THR A 309 23.75 -13.83 10.84
CA THR A 309 24.37 -14.61 11.90
C THR A 309 23.58 -15.90 12.16
N TRP A 310 24.21 -16.82 12.88
CA TRP A 310 23.51 -17.98 13.41
C TRP A 310 24.10 -18.41 14.74
N LEU A 311 23.21 -18.83 15.66
CA LEU A 311 23.67 -19.47 16.88
C LEU A 311 23.52 -20.98 16.75
N SER A 312 24.63 -21.72 16.82
CA SER A 312 24.62 -23.17 16.59
C SER A 312 23.80 -23.86 17.67
N ALA A 313 23.40 -25.12 17.40
CA ALA A 313 22.71 -25.95 18.37
C ALA A 313 23.58 -26.14 19.61
N GLU A 314 24.90 -26.34 19.43
CA GLU A 314 25.76 -26.57 20.60
C GLU A 314 25.95 -25.27 21.40
N ASP A 315 25.89 -24.10 20.75
CA ASP A 315 25.98 -22.86 21.51
C ASP A 315 24.72 -22.60 22.33
N HIS A 316 23.59 -23.24 22.01
CA HIS A 316 22.42 -23.15 22.88
C HIS A 316 22.65 -23.81 24.25
N VAL A 317 23.57 -24.77 24.34
CA VAL A 317 23.81 -25.54 25.56
C VAL A 317 25.27 -25.36 26.02
N ARG A 318 25.95 -24.32 25.56
CA ARG A 318 27.33 -24.10 25.95
C ARG A 318 27.41 -24.03 27.48
N ALA A 319 28.28 -24.85 28.09
CA ALA A 319 28.29 -25.04 29.53
C ALA A 319 28.56 -23.75 30.29
N ASP A 320 29.48 -22.90 29.78
CA ASP A 320 30.03 -21.81 30.57
C ASP A 320 29.46 -20.45 30.16
N ARG A 321 28.43 -20.46 29.31
CA ARG A 321 27.79 -19.25 28.83
C ARG A 321 26.28 -19.41 28.81
N TYR A 322 25.55 -18.30 28.72
CA TYR A 322 24.13 -18.30 28.42
C TYR A 322 23.94 -17.40 27.20
N LEU A 323 23.45 -17.94 26.07
CA LEU A 323 23.49 -17.19 24.83
C LEU A 323 22.12 -17.12 24.16
N LEU A 324 21.04 -17.38 24.92
CA LEU A 324 19.75 -17.53 24.28
C LEU A 324 19.20 -16.18 23.86
N ASN A 325 19.75 -15.08 24.36
CA ASN A 325 19.42 -13.73 23.92
C ASN A 325 20.35 -13.26 22.80
N SER A 326 21.13 -14.17 22.21
CA SER A 326 21.97 -13.84 21.05
C SER A 326 21.38 -14.47 19.79
N VAL A 327 21.65 -13.86 18.63
CA VAL A 327 21.38 -14.45 17.32
C VAL A 327 22.67 -15.02 16.71
N GLY A 328 23.73 -15.14 17.51
CA GLY A 328 24.89 -15.92 17.14
C GLY A 328 25.99 -15.09 16.49
N LYS A 329 26.78 -15.74 15.65
CA LYS A 329 28.00 -15.17 15.09
C LYS A 329 27.86 -15.07 13.57
N ALA A 330 28.69 -14.19 12.98
CA ALA A 330 28.67 -13.91 11.55
C ALA A 330 28.86 -15.18 10.75
N LEU A 331 28.17 -15.26 9.63
CA LEU A 331 28.47 -16.29 8.64
C LEU A 331 29.84 -16.07 8.03
N PRO A 332 30.55 -17.15 7.60
CA PRO A 332 31.81 -17.02 6.89
C PRO A 332 31.56 -16.01 5.76
N GLY A 333 32.45 -15.04 5.65
CA GLY A 333 32.41 -14.10 4.54
C GLY A 333 31.55 -12.87 4.85
N THR A 334 30.87 -12.85 6.01
CA THR A 334 29.99 -11.75 6.38
C THR A 334 30.74 -10.84 7.36
N GLU A 335 30.74 -9.54 7.07
CA GLU A 335 31.32 -8.55 7.98
C GLU A 335 30.18 -7.83 8.67
N ILE A 336 30.35 -7.59 9.97
CA ILE A 336 29.38 -6.88 10.76
C ILE A 336 30.05 -5.67 11.37
N ALA A 337 29.43 -4.51 11.20
CA ALA A 337 29.84 -3.27 11.83
C ALA A 337 28.65 -2.72 12.59
N ILE A 338 28.92 -2.17 13.77
CA ILE A 338 27.86 -1.62 14.61
C ILE A 338 28.08 -0.12 14.57
N ARG A 339 27.06 0.63 14.11
CA ARG A 339 27.31 2.02 13.77
C ARG A 339 26.37 2.96 14.49
N ASP A 340 26.89 4.16 14.80
CA ASP A 340 26.05 5.19 15.39
C ASP A 340 25.20 5.85 14.31
N GLN A 341 24.40 6.81 14.78
CA GLN A 341 23.44 7.55 13.98
C GLN A 341 24.12 8.26 12.81
N ASP A 342 25.41 8.59 12.96
CA ASP A 342 26.14 9.33 11.95
C ASP A 342 26.91 8.40 11.02
N GLY A 343 26.89 7.09 11.29
CA GLY A 343 27.52 6.11 10.41
C GLY A 343 28.91 5.69 10.87
N ALA A 344 29.30 6.06 12.10
CA ALA A 344 30.64 5.77 12.62
C ALA A 344 30.66 4.39 13.28
N ASP A 345 31.75 3.65 13.06
CA ASP A 345 31.89 2.33 13.66
C ASP A 345 32.11 2.45 15.17
N LEU A 346 31.42 1.60 15.95
CA LEU A 346 31.50 1.65 17.39
C LEU A 346 32.34 0.49 17.91
N PRO A 347 33.03 0.66 19.06
CA PRO A 347 33.80 -0.43 19.66
C PRO A 347 32.88 -1.55 20.13
N VAL A 348 33.43 -2.77 20.06
CA VAL A 348 32.73 -3.98 20.44
C VAL A 348 32.24 -3.81 21.88
N GLY A 349 30.94 -4.02 22.05
CA GLY A 349 30.28 -3.85 23.33
C GLY A 349 29.26 -2.72 23.30
N THR A 350 29.38 -1.81 22.33
CA THR A 350 28.49 -0.66 22.24
C THR A 350 27.21 -1.03 21.47
N VAL A 351 26.07 -0.40 21.83
CA VAL A 351 24.86 -0.53 21.04
C VAL A 351 24.91 0.43 19.85
N GLY A 352 24.56 -0.07 18.67
CA GLY A 352 24.28 0.77 17.52
C GLY A 352 23.58 -0.02 16.41
N GLU A 353 23.58 0.51 15.18
CA GLU A 353 22.84 -0.17 14.13
C GLU A 353 23.72 -1.27 13.57
N VAL A 354 23.12 -2.45 13.41
CA VAL A 354 23.75 -3.60 12.78
C VAL A 354 23.85 -3.34 11.27
N CYS A 355 25.08 -3.25 10.76
CA CYS A 355 25.34 -3.09 9.33
C CYS A 355 26.19 -4.26 8.81
N VAL A 356 25.89 -4.78 7.61
CA VAL A 356 26.48 -6.05 7.17
C VAL A 356 26.97 -5.92 5.73
N ARG A 357 28.09 -6.58 5.45
CA ARG A 357 28.62 -6.66 4.10
C ARG A 357 28.94 -8.12 3.78
N SER A 358 28.35 -8.61 2.68
CA SER A 358 28.61 -9.96 2.19
C SER A 358 28.16 -10.04 0.74
N THR A 359 28.51 -11.15 0.09
CA THR A 359 28.04 -11.43 -1.25
C THR A 359 26.58 -11.88 -1.27
N MET A 360 25.95 -12.03 -0.08
CA MET A 360 24.54 -12.42 0.01
C MET A 360 23.60 -11.23 -0.08
N LEU A 361 24.14 -10.01 -0.09
CA LEU A 361 23.33 -8.80 -0.20
C LEU A 361 22.45 -8.87 -1.45
N MET A 362 21.21 -8.37 -1.31
CA MET A 362 20.31 -8.28 -2.44
C MET A 362 20.92 -7.47 -3.58
N ARG A 363 20.39 -7.66 -4.79
CA ARG A 363 20.68 -6.77 -5.91
C ARG A 363 20.11 -5.38 -5.59
N GLY A 364 18.94 -5.33 -4.92
CA GLY A 364 18.35 -4.06 -4.53
C GLY A 364 16.83 -4.14 -4.54
N TYR A 365 16.17 -3.04 -4.17
CA TYR A 365 14.72 -3.03 -4.15
C TYR A 365 14.21 -2.83 -5.59
N TRP A 366 13.18 -3.60 -5.97
CA TRP A 366 12.61 -3.48 -7.31
C TRP A 366 12.04 -2.07 -7.52
N ARG A 367 12.67 -1.30 -8.42
CA ARG A 367 12.19 0.00 -8.88
C ARG A 367 12.09 1.02 -7.74
N LEU A 368 12.96 0.92 -6.73
CA LEU A 368 12.96 1.90 -5.65
C LEU A 368 14.40 2.32 -5.45
N PRO A 369 15.03 3.01 -6.44
CA PRO A 369 16.45 3.36 -6.36
C PRO A 369 16.83 4.28 -5.19
N GLU A 370 15.95 5.20 -4.82
CA GLU A 370 16.24 6.12 -3.72
C GLU A 370 16.30 5.31 -2.42
N LEU A 371 15.32 4.43 -2.20
CA LEU A 371 15.32 3.66 -0.98
C LEU A 371 16.54 2.73 -0.95
N THR A 372 16.92 2.16 -2.10
CA THR A 372 18.04 1.23 -2.18
C THR A 372 19.30 1.97 -1.74
N ALA A 373 19.48 3.20 -2.26
CA ALA A 373 20.68 3.96 -1.97
C ALA A 373 20.67 4.39 -0.50
N LYS A 374 19.47 4.50 0.09
CA LYS A 374 19.35 4.78 1.52
C LYS A 374 19.71 3.54 2.37
N THR A 375 19.50 2.33 1.85
CA THR A 375 19.48 1.14 2.69
C THR A 375 20.86 0.48 2.67
N VAL A 376 21.48 0.54 1.48
CA VAL A 376 22.78 -0.03 1.20
C VAL A 376 23.67 1.13 0.81
N ARG A 377 24.67 1.43 1.66
CA ARG A 377 25.56 2.55 1.45
C ARG A 377 26.99 2.05 1.46
N ASP A 378 27.74 2.34 0.37
CA ASP A 378 29.13 1.93 0.21
C ASP A 378 29.24 0.41 0.39
N GLY A 379 28.22 -0.33 -0.05
CA GLY A 379 28.25 -1.78 0.01
C GLY A 379 27.79 -2.35 1.35
N TRP A 380 27.36 -1.51 2.29
CA TRP A 380 26.92 -1.95 3.61
C TRP A 380 25.40 -1.85 3.73
N LEU A 381 24.76 -2.98 4.08
CA LEU A 381 23.36 -2.99 4.42
C LEU A 381 23.19 -2.42 5.82
N HIS A 382 22.39 -1.34 5.89
CA HIS A 382 21.87 -0.85 7.15
C HIS A 382 20.56 -1.57 7.47
N THR A 383 20.56 -2.44 8.50
CA THR A 383 19.47 -3.34 8.76
C THR A 383 18.28 -2.68 9.41
N GLY A 384 18.49 -1.53 10.07
CA GLY A 384 17.47 -0.92 10.90
C GLY A 384 17.25 -1.66 12.24
N ASP A 385 18.06 -2.69 12.50
CA ASP A 385 18.15 -3.32 13.81
C ASP A 385 19.26 -2.67 14.64
N LEU A 386 19.03 -2.61 15.96
CA LEU A 386 20.06 -2.19 16.89
C LEU A 386 20.56 -3.37 17.70
N GLY A 387 21.84 -3.31 18.04
CA GLY A 387 22.43 -4.43 18.76
C GLY A 387 23.85 -4.12 19.20
N ARG A 388 24.49 -5.12 19.82
CA ARG A 388 25.88 -4.96 20.30
C ARG A 388 26.60 -6.31 20.24
N LEU A 389 27.84 -6.34 19.75
CA LEU A 389 28.67 -7.53 19.70
C LEU A 389 29.33 -7.72 21.06
N ASP A 390 29.78 -8.96 21.34
CA ASP A 390 30.66 -9.22 22.47
C ASP A 390 32.00 -9.70 21.93
N THR A 391 32.94 -9.94 22.86
CA THR A 391 34.34 -10.23 22.53
C THR A 391 34.50 -11.64 21.96
N GLU A 392 33.43 -12.46 21.98
CA GLU A 392 33.49 -13.74 21.27
C GLU A 392 32.85 -13.64 19.88
N GLY A 393 32.32 -12.48 19.50
CA GLY A 393 31.66 -12.33 18.19
C GLY A 393 30.14 -12.59 18.20
N TYR A 394 29.54 -12.85 19.38
CA TYR A 394 28.09 -12.99 19.44
C TYR A 394 27.40 -11.65 19.26
N LEU A 395 26.31 -11.66 18.49
CA LEU A 395 25.48 -10.47 18.26
C LEU A 395 24.23 -10.55 19.13
N TYR A 396 23.89 -9.44 19.79
CA TYR A 396 22.69 -9.34 20.59
C TYR A 396 21.82 -8.19 20.08
N LEU A 397 20.65 -8.52 19.52
CA LEU A 397 19.70 -7.52 19.09
C LEU A 397 18.96 -6.98 20.32
N VAL A 398 18.89 -5.66 20.46
CA VAL A 398 18.26 -5.00 21.59
C VAL A 398 16.99 -4.26 21.15
N ASP A 399 16.84 -4.00 19.84
CA ASP A 399 15.65 -3.36 19.30
C ASP A 399 15.70 -3.25 17.78
N ARG A 400 14.51 -3.03 17.20
CA ARG A 400 14.43 -2.36 15.91
C ARG A 400 14.50 -0.86 16.20
N ALA A 401 15.14 -0.10 15.30
CA ALA A 401 15.39 1.33 15.52
C ALA A 401 14.08 2.08 15.75
N LYS A 402 13.02 1.68 15.05
CA LYS A 402 11.71 2.30 15.14
C LYS A 402 11.05 2.00 16.49
N ASP A 403 11.50 0.98 17.22
CA ASP A 403 10.84 0.59 18.46
C ASP A 403 11.46 1.22 19.70
N VAL A 404 12.56 1.95 19.52
CA VAL A 404 13.31 2.48 20.66
C VAL A 404 12.39 3.46 21.40
N ILE A 405 12.51 3.50 22.71
CA ILE A 405 11.67 4.37 23.51
C ILE A 405 12.56 5.42 24.13
N ILE A 406 12.26 6.71 23.89
CA ILE A 406 13.09 7.78 24.39
C ILE A 406 12.42 8.41 25.60
N VAL A 407 13.01 8.16 26.76
CA VAL A 407 12.50 8.67 28.03
C VAL A 407 13.43 9.77 28.51
N GLU A 408 12.96 11.03 28.39
CA GLU A 408 13.74 12.21 28.75
C GLU A 408 15.18 12.05 28.28
N ALA A 409 15.34 11.86 26.96
CA ALA A 409 16.66 11.83 26.35
C ALA A 409 17.44 10.54 26.61
N TYR A 410 16.91 9.57 27.39
CA TYR A 410 17.59 8.28 27.56
C TYR A 410 16.96 7.26 26.62
N ASN A 411 17.77 6.27 26.17
CA ASN A 411 17.32 5.26 25.23
C ASN A 411 16.95 3.99 26.01
N VAL A 412 15.69 3.59 25.85
CA VAL A 412 15.23 2.33 26.41
C VAL A 412 14.95 1.39 25.26
N TYR A 413 15.67 0.26 25.23
CA TYR A 413 15.59 -0.70 24.14
C TYR A 413 14.52 -1.74 24.51
N SER A 414 13.44 -1.75 23.72
CA SER A 414 12.25 -2.47 24.11
C SER A 414 12.51 -3.97 24.21
N GLN A 415 13.27 -4.57 23.28
CA GLN A 415 13.44 -6.03 23.28
C GLN A 415 14.25 -6.45 24.50
N GLU A 416 15.24 -5.63 24.88
CA GLU A 416 16.10 -5.93 26.06
C GLU A 416 15.24 -5.93 27.33
N VAL A 417 14.37 -4.93 27.45
CA VAL A 417 13.46 -4.89 28.59
C VAL A 417 12.56 -6.13 28.56
N GLU A 418 12.06 -6.50 27.37
CA GLU A 418 11.19 -7.66 27.23
C GLU A 418 11.86 -8.93 27.77
N HIS A 419 13.14 -9.10 27.44
CA HIS A 419 13.88 -10.29 27.84
C HIS A 419 14.04 -10.36 29.34
N VAL A 420 14.18 -9.19 30.00
CA VAL A 420 14.29 -9.19 31.45
C VAL A 420 12.95 -9.65 32.00
N LEU A 421 11.86 -9.11 31.48
CA LEU A 421 10.52 -9.48 31.97
C LEU A 421 10.25 -10.98 31.75
N THR A 422 10.54 -11.50 30.54
CA THR A 422 10.18 -12.88 30.22
C THR A 422 11.09 -13.85 30.95
N GLY A 423 12.31 -13.40 31.25
CA GLY A 423 13.26 -14.11 32.08
C GLY A 423 12.70 -14.44 33.48
N HIS A 424 11.83 -13.58 33.99
CA HIS A 424 11.16 -13.85 35.26
C HIS A 424 10.24 -15.07 35.10
N PRO A 425 10.27 -16.02 36.07
CA PRO A 425 9.43 -17.23 36.00
C PRO A 425 7.93 -16.98 35.93
N ASP A 426 7.47 -15.82 36.44
CA ASP A 426 6.04 -15.52 36.46
C ASP A 426 5.54 -15.09 35.08
N VAL A 427 6.47 -14.74 34.16
CA VAL A 427 6.13 -14.14 32.89
C VAL A 427 6.47 -15.07 31.73
N ARG A 428 5.49 -15.30 30.87
CA ARG A 428 5.63 -16.19 29.74
C ARG A 428 6.07 -15.41 28.51
N TYR A 429 5.34 -14.32 28.22
CA TYR A 429 5.55 -13.46 27.08
C TYR A 429 5.44 -12.00 27.53
N ALA A 430 6.14 -11.10 26.82
CA ALA A 430 6.03 -9.69 27.10
C ALA A 430 6.19 -8.88 25.81
N ALA A 431 5.55 -7.70 25.78
CA ALA A 431 5.77 -6.73 24.73
C ALA A 431 5.93 -5.37 25.39
N VAL A 432 6.95 -4.64 24.96
CA VAL A 432 7.30 -3.36 25.54
C VAL A 432 7.22 -2.31 24.43
N VAL A 433 6.56 -1.21 24.75
CA VAL A 433 6.26 -0.19 23.77
C VAL A 433 6.24 1.15 24.50
N GLY A 434 6.52 2.21 23.73
CA GLY A 434 6.44 3.54 24.28
C GLY A 434 5.05 4.15 24.08
N VAL A 435 4.62 4.92 25.07
CA VAL A 435 3.37 5.64 24.99
C VAL A 435 3.61 7.09 25.41
N PRO A 436 2.71 8.03 25.07
CA PRO A 436 2.88 9.45 25.42
C PRO A 436 3.01 9.66 26.92
N ASP A 437 3.92 10.57 27.31
CA ASP A 437 4.07 10.98 28.69
C ASP A 437 4.27 12.50 28.74
N HIS A 438 3.50 13.16 29.62
CA HIS A 438 3.54 14.61 29.71
C HIS A 438 4.93 15.07 30.14
N ASP A 439 5.50 14.37 31.13
CA ASP A 439 6.76 14.74 31.76
C ASP A 439 7.98 14.25 30.95
N THR A 440 7.98 12.98 30.51
CA THR A 440 9.19 12.43 29.92
C THR A 440 9.04 12.25 28.42
N THR A 441 7.97 12.79 27.82
CA THR A 441 7.67 12.70 26.40
C THR A 441 7.19 11.29 26.02
N GLU A 442 8.02 10.27 26.27
CA GLU A 442 7.57 8.88 26.19
C GLU A 442 7.77 8.18 27.54
N ALA A 443 6.86 7.26 27.85
CA ALA A 443 7.00 6.39 29.01
C ALA A 443 7.05 4.96 28.52
N VAL A 444 7.58 4.07 29.37
CA VAL A 444 7.72 2.67 29.02
C VAL A 444 6.44 1.94 29.44
N TYR A 445 5.78 1.29 28.46
CA TYR A 445 4.63 0.42 28.69
C TYR A 445 5.02 -1.02 28.37
N ALA A 446 4.68 -1.94 29.28
CA ALA A 446 4.82 -3.37 29.07
C ALA A 446 3.49 -4.09 29.27
N ALA A 447 3.18 -4.97 28.31
CA ALA A 447 2.15 -5.98 28.48
C ALA A 447 2.84 -7.32 28.73
N VAL A 448 2.41 -8.01 29.79
CA VAL A 448 2.96 -9.31 30.15
C VAL A 448 1.84 -10.35 30.27
N VAL A 449 2.10 -11.51 29.66
CA VAL A 449 1.27 -12.70 29.74
C VAL A 449 1.83 -13.59 30.86
N PRO A 450 1.04 -13.88 31.91
CA PRO A 450 1.45 -14.77 33.00
C PRO A 450 1.75 -16.18 32.50
N ALA A 451 2.71 -16.84 33.13
CA ALA A 451 2.99 -18.24 32.86
C ALA A 451 1.90 -19.09 33.48
N GLU A 452 1.87 -20.36 33.06
CA GLU A 452 0.93 -21.35 33.58
C GLU A 452 1.26 -21.56 35.06
N GLY A 453 0.20 -21.57 35.86
CA GLY A 453 0.37 -21.80 37.30
C GLY A 453 0.84 -20.55 38.04
N VAL A 454 0.66 -19.39 37.43
CA VAL A 454 1.00 -18.10 38.02
C VAL A 454 -0.33 -17.38 38.26
N GLY A 455 -0.49 -16.84 39.47
CA GLY A 455 -1.67 -16.08 39.76
C GLY A 455 -1.45 -14.60 39.45
N GLU A 456 -1.50 -13.80 40.52
CA GLU A 456 -1.32 -12.36 40.41
C GLU A 456 0.16 -12.10 40.20
N ILE A 457 0.49 -11.38 39.13
CA ILE A 457 1.85 -10.91 38.95
C ILE A 457 2.13 -9.79 39.96
N ASP A 458 3.30 -9.86 40.59
CA ASP A 458 3.82 -8.78 41.39
C ASP A 458 4.55 -7.77 40.50
N VAL A 459 3.82 -6.71 40.14
CA VAL A 459 4.29 -5.71 39.18
C VAL A 459 5.47 -4.93 39.76
N ASP A 460 5.51 -4.74 41.08
CA ASP A 460 6.63 -4.03 41.68
C ASP A 460 7.87 -4.92 41.65
N GLU A 461 7.70 -6.24 41.79
CA GLU A 461 8.83 -7.14 41.62
C GLU A 461 9.42 -7.03 40.21
N LEU A 462 8.54 -7.02 39.20
CA LEU A 462 8.99 -6.89 37.82
C LEU A 462 9.72 -5.57 37.60
N ARG A 463 9.20 -4.45 38.10
CA ARG A 463 9.85 -3.16 37.94
C ARG A 463 11.24 -3.17 38.59
N ALA A 464 11.31 -3.70 39.81
CA ALA A 464 12.58 -3.82 40.52
C ALA A 464 13.60 -4.64 39.72
N LEU A 465 13.17 -5.74 39.08
CA LEU A 465 14.08 -6.59 38.33
C LEU A 465 14.66 -5.81 37.15
N VAL A 466 13.81 -5.04 36.46
CA VAL A 466 14.27 -4.27 35.32
C VAL A 466 15.24 -3.19 35.81
N ARG A 467 14.82 -2.49 36.88
CA ARG A 467 15.61 -1.43 37.49
C ARG A 467 17.01 -1.95 37.84
N THR A 468 17.10 -3.15 38.41
CA THR A 468 18.38 -3.61 38.92
C THR A 468 19.14 -4.44 37.88
N THR A 469 18.61 -4.56 36.65
CA THR A 469 19.32 -5.20 35.56
C THR A 469 19.79 -4.17 34.54
N LEU A 470 18.90 -3.26 34.14
CA LEU A 470 19.17 -2.29 33.08
C LEU A 470 19.34 -0.89 33.67
N GLY A 471 18.61 -0.60 34.74
CA GLY A 471 18.63 0.72 35.36
C GLY A 471 17.23 1.33 35.43
N PRO A 472 17.03 2.38 36.25
CA PRO A 472 15.72 2.94 36.56
C PRO A 472 14.84 3.40 35.40
N VAL A 473 15.42 4.05 34.37
CA VAL A 473 14.58 4.61 33.32
C VAL A 473 14.00 3.52 32.45
N HIS A 474 14.60 2.31 32.48
CA HIS A 474 14.15 1.18 31.68
C HIS A 474 12.89 0.54 32.29
N GLU A 475 12.63 0.82 33.57
CA GLU A 475 11.47 0.34 34.29
C GLU A 475 10.18 0.65 33.51
N PRO A 476 9.26 -0.33 33.32
CA PRO A 476 7.89 -0.01 32.90
C PRO A 476 7.17 0.86 33.93
N LYS A 477 6.84 2.09 33.52
CA LYS A 477 5.95 2.94 34.29
C LYS A 477 4.56 2.29 34.29
N HIS A 478 4.08 1.93 33.11
CA HIS A 478 2.81 1.24 32.96
C HIS A 478 3.07 -0.24 32.70
N LEU A 479 2.46 -1.09 33.53
CA LEU A 479 2.64 -2.53 33.43
C LEU A 479 1.28 -3.22 33.47
N ASP A 480 0.89 -3.79 32.32
CA ASP A 480 -0.45 -4.29 32.06
C ASP A 480 -0.40 -5.81 31.95
N VAL A 481 -1.07 -6.51 32.87
CA VAL A 481 -1.24 -7.96 32.76
C VAL A 481 -2.33 -8.21 31.73
N VAL A 482 -2.03 -9.05 30.72
CA VAL A 482 -2.94 -9.32 29.63
C VAL A 482 -3.02 -10.82 29.40
N ASP A 483 -4.08 -11.22 28.69
CA ASP A 483 -4.29 -12.62 28.31
C ASP A 483 -3.43 -12.94 27.09
N THR A 484 -3.22 -11.96 26.19
CA THR A 484 -2.66 -12.24 24.89
C THR A 484 -1.93 -11.02 24.33
N ILE A 485 -0.90 -11.27 23.53
CA ILE A 485 -0.19 -10.20 22.86
C ILE A 485 -0.50 -10.21 21.37
N PRO A 486 -1.13 -9.15 20.80
CA PRO A 486 -1.52 -9.19 19.39
C PRO A 486 -0.33 -9.30 18.45
N THR A 487 -0.57 -9.90 17.27
CA THR A 487 0.48 -10.25 16.32
C THR A 487 0.28 -9.55 14.98
N THR A 488 1.35 -9.55 14.18
CA THR A 488 1.36 -9.10 12.79
C THR A 488 0.77 -10.20 11.90
N PRO A 489 0.59 -9.99 10.57
CA PRO A 489 0.11 -11.06 9.67
C PRO A 489 0.98 -12.34 9.75
N HIS A 492 5.83 -10.98 13.90
CA HIS A 492 6.27 -9.95 14.88
C HIS A 492 5.10 -9.58 15.81
N PRO A 493 5.38 -9.08 17.03
CA PRO A 493 4.34 -8.65 17.96
C PRO A 493 3.81 -7.30 17.48
N ASP A 494 2.49 -7.06 17.62
CA ASP A 494 1.83 -5.89 17.03
C ASP A 494 1.94 -4.67 17.96
N LYS A 495 3.09 -4.00 17.87
CA LYS A 495 3.39 -2.94 18.81
C LYS A 495 2.47 -1.73 18.58
N SER A 496 2.08 -1.45 17.33
CA SER A 496 1.24 -0.29 17.05
C SER A 496 -0.13 -0.49 17.70
N ALA A 497 -0.63 -1.74 17.63
CA ALA A 497 -1.90 -2.10 18.23
C ALA A 497 -1.86 -1.89 19.75
N LEU A 498 -0.73 -2.26 20.38
CA LEU A 498 -0.61 -2.08 21.82
C LEU A 498 -0.62 -0.61 22.21
N ARG A 499 0.12 0.20 21.42
CA ARG A 499 0.21 1.64 21.61
C ARG A 499 -1.18 2.26 21.53
N THR A 500 -2.00 1.77 20.58
CA THR A 500 -3.34 2.30 20.33
C THR A 500 -4.31 1.94 21.45
N ARG A 501 -4.33 0.66 21.85
CA ARG A 501 -5.26 0.16 22.86
C ARG A 501 -4.99 0.80 24.22
N TRP A 502 -3.75 1.29 24.43
CA TRP A 502 -3.37 1.91 25.69
C TRP A 502 -4.10 3.24 25.89
N ARG A 503 -4.23 4.06 24.84
CA ARG A 503 -4.99 5.29 24.94
C ARG A 503 -6.36 4.97 25.55
N ALA A 504 -7.16 4.18 24.83
CA ALA A 504 -8.45 3.75 25.33
C ALA A 504 -8.26 2.80 26.53
N MET B 1 2.76 36.77 -13.84
CA MET B 1 3.75 36.70 -12.73
C MET B 1 3.51 35.45 -11.87
N GLY B 2 2.63 34.53 -12.30
CA GLY B 2 2.65 33.16 -11.79
C GLY B 2 1.54 32.85 -10.78
N TYR B 3 1.46 31.59 -10.38
CA TYR B 3 0.34 31.09 -9.58
C TYR B 3 0.25 31.80 -8.23
N LEU B 4 1.37 31.90 -7.51
CA LEU B 4 1.31 32.47 -6.18
C LEU B 4 1.06 33.97 -6.21
N HIS B 5 1.55 34.64 -7.26
CA HIS B 5 1.18 36.00 -7.56
C HIS B 5 -0.34 36.12 -7.72
N ARG B 6 -0.97 35.19 -8.46
CA ARG B 6 -2.42 35.24 -8.68
C ARG B 6 -3.14 35.14 -7.33
N VAL B 7 -2.69 34.24 -6.47
CA VAL B 7 -3.32 34.03 -5.17
C VAL B 7 -3.22 35.30 -4.31
N VAL B 8 -2.02 35.89 -4.25
CA VAL B 8 -1.73 37.06 -3.43
C VAL B 8 -2.51 38.29 -3.94
N GLU B 9 -2.56 38.48 -5.27
CA GLU B 9 -3.33 39.55 -5.88
C GLU B 9 -4.82 39.43 -5.56
N GLY B 10 -5.37 38.23 -5.60
CA GLY B 10 -6.75 38.03 -5.17
C GLY B 10 -6.96 38.48 -3.73
N LEU B 11 -6.05 38.08 -2.83
CA LEU B 11 -6.18 38.40 -1.42
C LEU B 11 -6.10 39.92 -1.20
N LYS B 12 -5.26 40.59 -1.99
CA LYS B 12 -5.13 42.04 -1.93
C LYS B 12 -6.37 42.74 -2.48
N ALA B 13 -6.96 42.16 -3.52
CA ALA B 13 -8.22 42.66 -4.03
C ALA B 13 -9.33 42.51 -2.99
N ASN B 14 -9.21 41.53 -2.07
CA ASN B 14 -10.22 41.26 -1.04
C ASN B 14 -9.69 41.69 0.35
N ALA B 15 -8.80 42.71 0.40
CA ALA B 15 -8.09 42.99 1.65
C ALA B 15 -9.07 43.22 2.81
N GLY B 16 -10.16 43.96 2.56
CA GLY B 16 -11.11 44.32 3.60
C GLY B 16 -12.32 43.38 3.69
N GLY B 17 -12.40 42.38 2.80
CA GLY B 17 -13.52 41.44 2.85
C GLY B 17 -13.09 40.13 3.50
N GLU B 18 -14.05 39.29 3.86
CA GLU B 18 -13.79 37.97 4.39
C GLU B 18 -13.15 37.12 3.30
N ALA B 19 -12.09 36.37 3.69
CA ALA B 19 -11.30 35.51 2.82
C ALA B 19 -11.32 34.05 3.29
N LEU B 20 -11.04 33.81 4.58
CA LEU B 20 -11.04 32.45 5.15
C LEU B 20 -12.01 32.44 6.34
N VAL B 21 -13.08 31.65 6.20
CA VAL B 21 -14.12 31.53 7.21
C VAL B 21 -14.29 30.07 7.52
N SER B 22 -14.15 29.73 8.81
CA SER B 22 -14.52 28.42 9.33
C SER B 22 -15.55 28.60 10.42
N ALA B 23 -15.88 27.52 11.14
CA ALA B 23 -16.74 27.59 12.31
C ALA B 23 -16.02 28.28 13.46
N ASP B 24 -14.68 28.31 13.43
CA ASP B 24 -13.88 28.71 14.56
C ASP B 24 -13.16 30.05 14.36
N ARG B 25 -13.07 30.55 13.13
CA ARG B 25 -12.22 31.70 12.88
C ARG B 25 -12.60 32.33 11.54
N ARG B 26 -12.43 33.66 11.46
CA ARG B 26 -12.66 34.41 10.23
C ARG B 26 -11.52 35.40 10.00
N LEU B 27 -10.91 35.33 8.82
CA LEU B 27 -9.86 36.25 8.43
C LEU B 27 -10.28 37.03 7.18
N THR B 28 -9.93 38.32 7.18
CA THR B 28 -10.07 39.14 6.00
C THR B 28 -8.97 38.76 5.02
N GLY B 29 -9.06 39.29 3.81
CA GLY B 29 -7.98 39.16 2.85
C GLY B 29 -6.64 39.64 3.42
N ALA B 30 -6.64 40.83 4.03
CA ALA B 30 -5.38 41.38 4.50
C ALA B 30 -4.86 40.55 5.68
N GLU B 31 -5.75 40.06 6.56
CA GLU B 31 -5.31 39.25 7.69
C GLU B 31 -4.71 37.94 7.18
N THR B 32 -5.34 37.37 6.15
CA THR B 32 -4.90 36.11 5.59
C THR B 32 -3.50 36.30 5.01
N LEU B 33 -3.29 37.38 4.26
CA LEU B 33 -2.00 37.62 3.66
C LEU B 33 -0.92 37.74 4.73
N GLU B 34 -1.23 38.39 5.87
CA GLU B 34 -0.26 38.58 6.94
C GLU B 34 0.15 37.24 7.53
N GLU B 35 -0.84 36.41 7.86
CA GLU B 35 -0.61 35.07 8.38
C GLU B 35 0.23 34.25 7.38
N ILE B 36 -0.04 34.39 6.08
CA ILE B 36 0.71 33.66 5.07
C ILE B 36 2.17 34.11 5.09
N HIS B 37 2.39 35.42 5.10
CA HIS B 37 3.74 35.96 5.03
C HIS B 37 4.55 35.58 6.29
N ARG B 38 3.91 35.62 7.46
CA ARG B 38 4.57 35.32 8.71
C ARG B 38 4.90 33.83 8.77
N THR B 39 3.95 33.01 8.30
CA THR B 39 4.13 31.59 8.37
C THR B 39 5.25 31.20 7.42
N ALA B 40 5.28 31.83 6.24
CA ALA B 40 6.36 31.56 5.30
C ALA B 40 7.71 31.89 5.94
N ARG B 41 7.79 33.03 6.64
CA ARG B 41 9.06 33.44 7.20
C ARG B 41 9.47 32.47 8.30
N ALA B 42 8.50 32.05 9.13
CA ALA B 42 8.74 31.05 10.15
C ALA B 42 9.32 29.77 9.54
N LEU B 43 8.78 29.34 8.39
CA LEU B 43 9.23 28.11 7.77
C LEU B 43 10.65 28.30 7.24
N ALA B 44 10.93 29.48 6.67
CA ALA B 44 12.24 29.73 6.12
C ALA B 44 13.26 29.80 7.27
N ALA B 45 12.82 30.36 8.40
CA ALA B 45 13.66 30.43 9.59
C ALA B 45 13.96 29.04 10.14
N GLN B 46 13.12 28.03 9.85
CA GLN B 46 13.38 26.66 10.28
C GLN B 46 14.34 25.97 9.33
N GLY B 47 14.75 26.63 8.25
CA GLY B 47 15.75 26.07 7.36
C GLY B 47 15.17 25.54 6.04
N LEU B 48 13.83 25.59 5.87
CA LEU B 48 13.21 25.08 4.65
C LEU B 48 13.59 26.00 3.49
N ARG B 49 13.98 25.38 2.37
CA ARG B 49 14.36 26.08 1.14
C ARG B 49 13.57 25.50 -0.04
N PRO B 50 13.64 26.16 -1.23
CA PRO B 50 12.95 25.67 -2.43
C PRO B 50 13.19 24.20 -2.72
N GLY B 51 12.09 23.46 -2.94
CA GLY B 51 12.19 22.06 -3.33
C GLY B 51 12.17 21.12 -2.14
N ASP B 52 12.19 21.65 -0.91
CA ASP B 52 12.14 20.81 0.27
C ASP B 52 10.70 20.31 0.44
N GLY B 53 10.58 19.02 0.75
CA GLY B 53 9.28 18.41 1.00
C GLY B 53 8.77 18.84 2.37
N VAL B 54 7.47 19.15 2.44
CA VAL B 54 6.81 19.47 3.68
C VAL B 54 5.52 18.65 3.73
N VAL B 55 5.51 17.63 4.58
CA VAL B 55 4.36 16.76 4.70
C VAL B 55 3.50 17.29 5.85
N THR B 56 2.19 17.24 5.64
CA THR B 56 1.26 17.83 6.60
C THR B 56 0.21 16.80 6.98
N LEU B 57 -0.38 17.05 8.15
CA LEU B 57 -1.48 16.24 8.63
C LEU B 57 -2.43 17.14 9.43
N HIS B 58 -3.54 17.54 8.78
CA HIS B 58 -4.52 18.44 9.37
C HIS B 58 -5.87 18.25 8.68
N GLY B 59 -6.90 18.85 9.29
CA GLY B 59 -8.23 18.96 8.73
C GLY B 59 -8.38 20.25 7.92
N ASN B 60 -9.60 20.80 7.91
CA ASN B 60 -9.94 21.90 7.02
C ASN B 60 -10.07 23.22 7.78
N GLY B 61 -9.17 23.49 8.71
CA GLY B 61 -9.19 24.74 9.44
C GLY B 61 -8.48 25.84 8.65
N VAL B 62 -8.64 27.09 9.13
CA VAL B 62 -8.11 28.23 8.42
C VAL B 62 -6.60 28.15 8.48
N GLU B 63 -6.09 27.62 9.60
CA GLU B 63 -4.66 27.43 9.80
C GLU B 63 -4.10 26.54 8.66
N ALA B 64 -4.88 25.58 8.20
CA ALA B 64 -4.43 24.65 7.17
C ALA B 64 -4.26 25.34 5.82
N VAL B 65 -5.20 26.23 5.47
CA VAL B 65 -5.15 26.91 4.18
C VAL B 65 -3.93 27.81 4.16
N VAL B 66 -3.74 28.55 5.27
CA VAL B 66 -2.62 29.44 5.43
C VAL B 66 -1.31 28.67 5.22
N LEU B 67 -1.21 27.52 5.89
CA LEU B 67 -0.01 26.71 5.83
C LEU B 67 0.24 26.28 4.39
N ARG B 68 -0.79 25.74 3.75
CA ARG B 68 -0.61 25.22 2.37
C ARG B 68 -0.04 26.32 1.47
N ILE B 69 -0.55 27.54 1.60
CA ILE B 69 -0.12 28.60 0.70
C ILE B 69 1.29 29.03 1.06
N ALA B 70 1.57 29.06 2.37
CA ALA B 70 2.88 29.52 2.83
C ALA B 70 3.98 28.60 2.34
N VAL B 71 3.72 27.28 2.42
CA VAL B 71 4.71 26.30 2.00
C VAL B 71 5.06 26.53 0.53
N GLN B 72 4.05 26.79 -0.30
CA GLN B 72 4.27 26.89 -1.74
C GLN B 72 4.88 28.26 -2.08
N LEU B 73 4.57 29.29 -1.31
CA LEU B 73 5.12 30.61 -1.49
C LEU B 73 6.66 30.56 -1.43
N LEU B 74 7.19 29.74 -0.51
CA LEU B 74 8.62 29.51 -0.42
C LEU B 74 9.17 28.72 -1.60
N GLY B 75 8.31 28.06 -2.36
CA GLY B 75 8.77 27.13 -3.38
C GLY B 75 9.07 25.75 -2.81
N CYS B 76 8.59 25.47 -1.59
CA CYS B 76 8.64 24.12 -1.04
C CYS B 76 7.54 23.25 -1.66
N ARG B 77 7.66 21.93 -1.46
CA ARG B 77 6.74 20.94 -1.98
C ARG B 77 5.80 20.47 -0.87
N TYR B 78 4.56 21.00 -0.90
CA TYR B 78 3.46 20.62 -0.02
C TYR B 78 2.94 19.23 -0.37
N ALA B 79 2.88 18.35 0.64
CA ALA B 79 2.41 16.98 0.49
C ALA B 79 1.44 16.70 1.63
N GLY B 80 0.16 16.93 1.36
CA GLY B 80 -0.84 16.88 2.41
C GLY B 80 -1.40 15.49 2.58
N LEU B 81 -1.38 14.96 3.80
CA LEU B 81 -2.01 13.69 4.07
C LEU B 81 -3.45 13.94 4.48
N ARG B 82 -4.38 13.21 3.84
CA ARG B 82 -5.76 13.20 4.27
C ARG B 82 -5.88 12.49 5.61
N PRO B 83 -6.58 13.10 6.60
CA PRO B 83 -6.85 12.44 7.88
C PRO B 83 -7.51 11.07 7.72
N VAL B 84 -8.34 10.93 6.69
CA VAL B 84 -9.14 9.73 6.50
C VAL B 84 -8.24 8.55 6.12
N PHE B 85 -7.05 8.80 5.55
CA PHE B 85 -6.17 7.72 5.13
C PHE B 85 -5.83 6.86 6.35
N ALA B 86 -5.60 5.57 6.12
CA ALA B 86 -5.14 4.71 7.20
C ALA B 86 -3.72 5.10 7.61
N THR B 87 -3.45 4.98 8.90
CA THR B 87 -2.16 5.37 9.47
C THR B 87 -1.03 4.74 8.65
N ARG B 88 -1.25 3.49 8.24
CA ARG B 88 -0.26 2.73 7.49
C ARG B 88 -0.02 3.36 6.11
N GLU B 89 -1.10 3.77 5.42
CA GLU B 89 -1.01 4.44 4.13
C GLU B 89 -0.29 5.80 4.30
N LYS B 90 -0.60 6.52 5.39
CA LYS B 90 0.12 7.74 5.74
C LYS B 90 1.62 7.51 5.87
N ALA B 91 2.01 6.51 6.66
CA ALA B 91 3.42 6.19 6.86
C ALA B 91 4.12 5.98 5.53
N ASN B 92 3.46 5.21 4.66
CA ASN B 92 3.97 4.91 3.34
C ASN B 92 4.22 6.20 2.56
N PHE B 93 3.22 7.09 2.54
CA PHE B 93 3.38 8.37 1.86
C PHE B 93 4.51 9.16 2.49
N LEU B 94 4.52 9.22 3.83
CA LEU B 94 5.55 9.97 4.53
C LEU B 94 6.96 9.44 4.18
N ALA B 95 7.15 8.10 4.24
CA ALA B 95 8.42 7.48 3.86
C ALA B 95 8.84 7.87 2.44
N GLU B 96 7.88 7.84 1.50
CA GLU B 96 8.16 8.13 0.09
C GLU B 96 8.47 9.61 -0.17
N ALA B 97 8.14 10.52 0.78
CA ALA B 97 8.06 11.95 0.51
C ALA B 97 9.42 12.67 0.53
N GLU B 98 10.46 12.03 1.10
CA GLU B 98 11.74 12.72 1.27
C GLU B 98 11.51 14.01 2.05
N ALA B 99 10.79 13.88 3.17
CA ALA B 99 10.29 15.03 3.91
C ALA B 99 11.43 15.78 4.61
N ALA B 100 11.48 17.11 4.44
CA ALA B 100 12.35 18.01 5.20
C ALA B 100 11.62 18.60 6.41
N ALA B 101 10.29 18.42 6.49
CA ALA B 101 9.53 18.86 7.64
C ALA B 101 8.22 18.10 7.71
N PHE B 102 7.63 18.05 8.91
CA PHE B 102 6.35 17.44 9.16
C PHE B 102 5.49 18.39 9.98
N VAL B 103 4.36 18.84 9.41
CA VAL B 103 3.52 19.83 10.07
C VAL B 103 2.17 19.20 10.36
N TYR B 104 1.79 19.20 11.66
CA TYR B 104 0.61 18.47 12.12
C TYR B 104 -0.28 19.37 12.96
N GLN B 105 -1.57 19.01 12.97
CA GLN B 105 -2.58 19.61 13.78
C GLN B 105 -2.49 19.04 15.20
N PRO B 106 -2.48 19.88 16.27
CA PRO B 106 -2.27 19.39 17.64
C PRO B 106 -3.16 18.22 18.05
N ASP B 107 -4.45 18.30 17.77
CA ASP B 107 -5.35 17.25 18.24
C ASP B 107 -5.08 15.94 17.50
N MET B 108 -4.06 15.90 16.62
CA MET B 108 -3.71 14.69 15.89
C MET B 108 -2.32 14.18 16.34
N ALA B 109 -1.88 14.60 17.53
CA ALA B 109 -0.49 14.41 17.96
C ALA B 109 -0.18 12.92 18.16
N ASP B 110 -1.15 12.17 18.68
CA ASP B 110 -1.01 10.73 18.84
C ASP B 110 -0.52 10.10 17.53
N GLU B 111 -1.30 10.24 16.46
CA GLU B 111 -0.98 9.66 15.17
C GLU B 111 0.30 10.27 14.61
N ALA B 112 0.50 11.57 14.80
CA ALA B 112 1.76 12.18 14.40
C ALA B 112 2.96 11.43 15.02
N ALA B 113 2.80 11.00 16.28
CA ALA B 113 3.86 10.30 17.01
C ALA B 113 4.14 8.93 16.39
N GLU B 114 3.10 8.15 16.16
CA GLU B 114 3.17 6.90 15.43
C GLU B 114 3.95 7.07 14.12
N LEU B 115 3.61 8.12 13.36
CA LEU B 115 4.16 8.30 12.03
C LEU B 115 5.65 8.63 12.12
N LEU B 116 6.02 9.51 13.06
CA LEU B 116 7.39 10.00 13.13
C LEU B 116 8.31 8.93 13.73
N ARG B 117 7.71 8.04 14.53
CA ARG B 117 8.37 6.83 15.01
C ARG B 117 8.73 5.92 13.84
N GLU B 118 7.80 5.76 12.90
CA GLU B 118 8.03 4.98 11.69
C GLU B 118 9.03 5.70 10.77
N VAL B 119 8.87 7.01 10.62
CA VAL B 119 9.61 7.78 9.63
C VAL B 119 10.13 9.03 10.30
N PRO B 120 11.29 8.97 11.00
CA PRO B 120 11.85 10.13 11.67
C PRO B 120 12.09 11.24 10.64
N THR B 121 11.69 12.45 11.03
CA THR B 121 11.66 13.55 10.10
C THR B 121 12.26 14.76 10.80
N PRO B 122 13.11 15.55 10.13
CA PRO B 122 13.56 16.81 10.72
C PRO B 122 12.35 17.74 10.80
N ARG B 123 12.51 18.86 11.51
CA ARG B 123 11.57 19.97 11.52
C ARG B 123 10.14 19.48 11.67
N VAL B 124 9.85 18.99 12.88
CA VAL B 124 8.50 18.65 13.30
C VAL B 124 7.87 19.92 13.85
N LEU B 125 6.68 20.29 13.33
CA LEU B 125 6.06 21.58 13.61
C LEU B 125 4.59 21.32 13.84
N SER B 126 3.99 22.01 14.83
CA SER B 126 2.57 21.85 15.15
C SER B 126 1.79 23.12 14.82
N LEU B 127 0.50 22.98 14.47
CA LEU B 127 -0.34 24.16 14.22
C LEU B 127 -1.01 24.60 15.52
N GLY B 128 -0.17 25.09 16.43
CA GLY B 128 -0.61 25.38 17.80
C GLY B 128 0.11 24.53 18.84
N PRO B 129 -0.21 24.66 20.14
CA PRO B 129 0.55 24.02 21.21
C PRO B 129 0.34 22.50 21.23
N ALA B 130 1.43 21.74 21.33
CA ALA B 130 1.33 20.29 21.18
C ALA B 130 2.58 19.61 21.72
N PRO B 131 2.54 18.29 22.02
CA PRO B 131 3.71 17.56 22.54
C PRO B 131 5.00 17.53 21.72
N LEU B 132 4.93 17.54 20.39
CA LEU B 132 6.08 17.19 19.56
C LEU B 132 6.52 18.38 18.72
N GLY B 133 7.84 18.51 18.56
CA GLY B 133 8.42 19.57 17.76
C GLY B 133 8.02 20.94 18.30
N GLU B 134 8.13 21.97 17.46
CA GLU B 134 7.80 23.34 17.86
C GLU B 134 6.45 23.78 17.30
N ASP B 135 5.93 24.85 17.90
CA ASP B 135 4.61 25.40 17.62
C ASP B 135 4.75 26.46 16.53
N LEU B 136 4.38 26.10 15.29
CA LEU B 136 4.59 26.95 14.12
C LEU B 136 3.78 28.23 14.25
N VAL B 137 2.54 28.13 14.78
CA VAL B 137 1.65 29.28 14.93
C VAL B 137 2.30 30.32 15.86
N ALA B 138 2.88 29.84 16.98
CA ALA B 138 3.67 30.68 17.88
C ALA B 138 4.82 31.35 17.13
N LEU B 139 5.63 30.55 16.44
CA LEU B 139 6.77 31.05 15.69
C LEU B 139 6.34 32.07 14.61
N ALA B 140 5.21 31.81 13.94
CA ALA B 140 4.75 32.74 12.92
C ALA B 140 4.31 34.03 13.62
N GLY B 141 3.62 33.87 14.76
CA GLY B 141 3.17 34.96 15.61
C GLY B 141 4.26 36.01 15.83
N ALA B 142 5.52 35.56 15.88
CA ALA B 142 6.64 36.40 16.26
C ALA B 142 7.48 36.81 15.06
N GLN B 143 7.02 36.57 13.83
CA GLN B 143 7.79 37.08 12.71
C GLN B 143 7.17 38.35 12.16
N SER B 144 7.90 39.01 11.25
CA SER B 144 7.34 40.12 10.50
C SER B 144 6.40 39.58 9.42
N ALA B 145 5.40 40.40 9.08
CA ALA B 145 4.48 40.11 8.00
C ALA B 145 4.91 40.83 6.72
N GLU B 146 6.19 41.22 6.65
CA GLU B 146 6.69 41.82 5.43
C GLU B 146 6.46 40.83 4.27
N PRO B 147 5.88 41.24 3.12
CA PRO B 147 5.66 40.29 2.03
C PRO B 147 6.85 39.39 1.73
N VAL B 148 6.57 38.13 1.37
CA VAL B 148 7.55 37.23 0.80
C VAL B 148 7.18 36.98 -0.66
N GLU B 149 8.10 37.29 -1.59
CA GLU B 149 7.87 37.15 -3.02
C GLU B 149 8.17 35.71 -3.46
N PHE B 150 7.35 35.19 -4.39
CA PHE B 150 7.62 33.90 -5.01
C PHE B 150 8.76 34.06 -6.00
N THR B 151 9.85 33.28 -5.83
CA THR B 151 11.07 33.44 -6.60
C THR B 151 11.48 32.14 -7.28
N ALA B 152 10.85 31.04 -6.90
CA ALA B 152 11.25 29.70 -7.33
C ALA B 152 10.81 29.47 -8.78
N ASP B 153 11.06 28.26 -9.27
CA ASP B 153 10.81 27.90 -10.66
C ASP B 153 9.30 27.64 -10.79
N GLU B 154 8.64 28.42 -11.65
CA GLU B 154 7.21 28.28 -11.88
C GLU B 154 6.90 26.83 -12.30
N ARG B 155 7.90 26.13 -12.82
CA ARG B 155 7.73 24.80 -13.39
C ARG B 155 8.03 23.67 -12.42
N ALA B 156 8.66 23.96 -11.26
CA ALA B 156 9.01 22.90 -10.32
C ALA B 156 7.82 22.65 -9.39
N ALA B 157 7.63 21.40 -8.99
CA ALA B 157 6.43 20.98 -8.29
C ALA B 157 6.40 21.58 -6.89
N THR B 158 5.24 22.04 -6.47
CA THR B 158 5.03 22.77 -5.24
C THR B 158 3.98 22.02 -4.43
N ALA B 159 3.31 21.02 -5.05
CA ALA B 159 2.26 20.27 -4.38
C ALA B 159 2.19 18.83 -4.89
N VAL B 160 1.84 17.96 -3.94
CA VAL B 160 1.72 16.54 -4.19
C VAL B 160 0.39 16.09 -3.60
N GLY B 161 -0.52 15.62 -4.45
CA GLY B 161 -1.83 15.13 -4.01
C GLY B 161 -1.91 13.61 -4.10
N PHE B 162 -2.25 12.98 -2.97
CA PHE B 162 -2.39 11.54 -2.86
C PHE B 162 -3.89 11.19 -3.02
N ALA B 170 -2.04 4.00 -5.31
CA ALA B 170 -1.48 4.92 -4.29
C ALA B 170 -1.37 6.33 -4.90
N LYS B 171 -0.14 6.68 -5.34
CA LYS B 171 0.18 7.73 -6.30
C LYS B 171 0.01 9.13 -5.69
N GLY B 172 1.15 9.79 -5.50
CA GLY B 172 1.19 11.22 -5.34
C GLY B 172 1.30 11.87 -6.71
N VAL B 173 0.47 12.90 -6.93
CA VAL B 173 0.42 13.60 -8.20
C VAL B 173 1.09 14.94 -8.01
N CYS B 174 2.20 15.19 -8.70
CA CYS B 174 2.95 16.42 -8.54
C CYS B 174 2.37 17.50 -9.46
N ARG B 175 2.23 18.70 -8.89
CA ARG B 175 1.73 19.87 -9.58
C ARG B 175 2.65 21.06 -9.33
N ALA B 176 3.00 21.76 -10.42
CA ALA B 176 3.78 22.99 -10.34
C ALA B 176 2.87 24.22 -10.50
N PRO B 177 3.33 25.40 -10.04
CA PRO B 177 2.61 26.66 -10.28
C PRO B 177 2.05 26.83 -11.69
N PHE B 178 2.84 26.44 -12.70
CA PHE B 178 2.43 26.53 -14.10
C PHE B 178 1.08 25.82 -14.31
N ASP B 179 1.01 24.53 -13.97
CA ASP B 179 -0.21 23.76 -14.20
C ASP B 179 -1.33 24.19 -13.25
N LEU B 180 -0.95 24.66 -12.05
CA LEU B 180 -1.92 25.16 -11.09
C LEU B 180 -2.59 26.44 -11.60
N GLU B 181 -1.83 27.30 -12.28
CA GLU B 181 -2.41 28.54 -12.78
C GLU B 181 -3.39 28.19 -13.89
N ALA B 182 -3.06 27.18 -14.68
CA ALA B 182 -3.93 26.77 -15.76
C ALA B 182 -5.22 26.18 -15.18
N CYS B 183 -5.12 25.45 -14.06
CA CYS B 183 -6.30 24.91 -13.39
C CYS B 183 -7.16 26.05 -12.86
N LEU B 184 -6.52 27.11 -12.35
CA LEU B 184 -7.18 28.32 -11.88
C LEU B 184 -8.02 28.93 -13.01
N ASP B 185 -7.37 29.11 -14.16
CA ASP B 185 -8.01 29.74 -15.32
C ASP B 185 -9.21 28.91 -15.77
N ALA B 186 -9.06 27.58 -15.79
CA ALA B 186 -10.16 26.71 -16.13
C ALA B 186 -11.30 26.83 -15.13
N SER B 187 -10.99 27.00 -13.83
CA SER B 187 -12.02 27.06 -12.81
CA SER B 187 -12.01 27.07 -12.79
C SER B 187 -12.87 28.33 -12.97
N LEU B 188 -12.24 29.40 -13.46
CA LEU B 188 -12.96 30.64 -13.74
C LEU B 188 -13.95 30.44 -14.88
N THR B 189 -13.59 29.59 -15.85
CA THR B 189 -14.50 29.27 -16.94
C THR B 189 -15.69 28.46 -16.41
N ILE B 190 -15.43 27.52 -15.50
CA ILE B 190 -16.46 26.60 -15.04
C ILE B 190 -17.36 27.36 -14.05
N PHE B 191 -16.75 27.93 -13.02
CA PHE B 191 -17.46 28.48 -11.87
C PHE B 191 -17.95 29.92 -12.12
N GLY B 192 -17.50 30.51 -13.25
CA GLY B 192 -17.78 31.91 -13.54
C GLY B 192 -16.74 32.82 -12.87
N GLU B 193 -16.78 34.11 -13.23
CA GLU B 193 -15.86 35.10 -12.70
C GLU B 193 -16.07 35.20 -11.20
N GLY B 194 -14.95 35.49 -10.53
CA GLY B 194 -14.95 35.79 -9.12
C GLY B 194 -15.55 37.17 -8.85
N PRO B 195 -15.69 37.56 -7.57
CA PRO B 195 -15.37 36.67 -6.44
C PRO B 195 -16.49 35.68 -6.14
N TRP B 196 -16.11 34.50 -5.62
CA TRP B 196 -17.05 33.51 -5.15
C TRP B 196 -17.09 33.54 -3.61
N ARG B 197 -18.16 33.02 -3.03
CA ARG B 197 -18.14 32.56 -1.64
C ARG B 197 -18.32 31.05 -1.71
N PHE B 198 -17.18 30.34 -1.63
CA PHE B 198 -17.08 28.96 -2.09
C PHE B 198 -17.05 28.06 -0.88
N LEU B 199 -18.08 27.21 -0.72
CA LEU B 199 -18.13 26.23 0.36
C LEU B 199 -17.28 25.01 -0.01
N VAL B 200 -16.12 24.90 0.65
CA VAL B 200 -15.18 23.79 0.53
C VAL B 200 -15.39 22.85 1.70
N CYS B 201 -15.89 21.64 1.43
CA CYS B 201 -16.04 20.61 2.46
C CYS B 201 -15.29 19.35 2.02
N ILE B 202 -14.19 19.60 1.31
CA ILE B 202 -13.33 18.57 0.75
C ILE B 202 -11.94 18.84 1.33
N PRO B 203 -11.10 17.79 1.56
CA PRO B 203 -9.84 17.99 2.26
C PRO B 203 -8.89 19.04 1.67
N ILE B 204 -8.38 19.89 2.57
CA ILE B 204 -7.40 20.93 2.24
C ILE B 204 -6.08 20.27 1.90
N ALA B 205 -5.89 19.03 2.35
CA ALA B 205 -4.77 18.19 1.98
C ALA B 205 -4.55 18.09 0.47
N ASP B 206 -5.64 18.08 -0.32
CA ASP B 206 -5.52 18.03 -1.77
C ASP B 206 -6.57 18.95 -2.41
N LEU B 207 -7.66 18.38 -2.95
CA LEU B 207 -8.48 19.08 -3.92
C LEU B 207 -9.15 20.28 -3.25
N GLY B 208 -9.62 20.10 -1.99
CA GLY B 208 -10.14 21.22 -1.24
C GLY B 208 -9.16 22.39 -1.17
N GLY B 209 -7.87 22.08 -1.00
CA GLY B 209 -6.81 23.07 -0.87
C GLY B 209 -6.65 23.89 -2.14
N GLU B 210 -6.74 23.20 -3.27
CA GLU B 210 -6.66 23.82 -4.59
C GLU B 210 -7.83 24.76 -4.82
N MET B 211 -9.03 24.29 -4.49
CA MET B 211 -10.23 25.08 -4.64
C MET B 211 -10.15 26.33 -3.76
N ALA B 212 -9.58 26.20 -2.57
CA ALA B 212 -9.41 27.33 -1.65
C ALA B 212 -8.45 28.34 -2.27
N GLU B 213 -7.36 27.86 -2.84
CA GLU B 213 -6.41 28.71 -3.55
C GLU B 213 -7.09 29.47 -4.70
N TRP B 214 -7.87 28.76 -5.53
CA TRP B 214 -8.50 29.41 -6.68
C TRP B 214 -9.48 30.47 -6.19
N THR B 215 -10.22 30.16 -5.12
CA THR B 215 -11.22 31.05 -4.58
C THR B 215 -10.55 32.35 -4.14
N LEU B 216 -9.46 32.21 -3.40
CA LEU B 216 -8.74 33.36 -2.89
C LEU B 216 -8.20 34.19 -4.04
N ALA B 217 -7.68 33.49 -5.06
CA ALA B 217 -7.02 34.12 -6.20
C ALA B 217 -8.00 34.97 -7.00
N ALA B 218 -9.26 34.52 -7.06
CA ALA B 218 -10.32 35.20 -7.78
C ALA B 218 -10.99 36.25 -6.89
N GLY B 219 -10.43 36.48 -5.69
CA GLY B 219 -10.84 37.59 -4.84
C GLY B 219 -11.96 37.21 -3.91
N GLY B 220 -12.16 35.92 -3.65
CA GLY B 220 -13.35 35.46 -2.94
C GLY B 220 -13.11 35.01 -1.51
N THR B 221 -14.17 34.41 -0.94
CA THR B 221 -14.17 33.88 0.41
C THR B 221 -14.28 32.34 0.40
N VAL B 222 -13.41 31.68 1.17
CA VAL B 222 -13.49 30.25 1.34
C VAL B 222 -14.29 30.00 2.62
N VAL B 223 -15.38 29.24 2.50
CA VAL B 223 -16.16 28.86 3.66
C VAL B 223 -15.86 27.38 3.92
N LEU B 224 -15.20 27.07 5.04
CA LEU B 224 -14.65 25.74 5.30
C LEU B 224 -15.56 24.92 6.18
N ARG B 225 -15.72 23.64 5.78
CA ARG B 225 -16.27 22.61 6.64
C ARG B 225 -15.37 21.36 6.57
N GLU B 226 -15.41 20.53 7.62
CA GLU B 226 -14.54 19.38 7.72
C GLU B 226 -14.97 18.27 6.76
N ASP B 227 -16.26 18.23 6.43
CA ASP B 227 -16.81 17.15 5.63
C ASP B 227 -18.22 17.57 5.22
N PHE B 228 -18.87 16.72 4.43
CA PHE B 228 -20.21 16.98 3.97
C PHE B 228 -21.22 16.29 4.91
N GLU B 229 -22.10 17.09 5.49
CA GLU B 229 -23.27 16.58 6.18
C GLU B 229 -24.42 17.46 5.69
N PRO B 230 -25.47 16.88 5.09
CA PRO B 230 -26.44 17.68 4.34
C PRO B 230 -27.15 18.78 5.13
N ALA B 231 -27.54 18.51 6.40
CA ALA B 231 -28.21 19.53 7.20
C ALA B 231 -27.25 20.68 7.47
N ASP B 232 -26.01 20.39 7.84
CA ASP B 232 -25.05 21.45 8.07
C ASP B 232 -24.88 22.29 6.79
N ILE B 233 -24.77 21.63 5.63
CA ILE B 233 -24.46 22.33 4.40
C ILE B 233 -25.63 23.22 4.01
N LEU B 234 -26.86 22.69 4.14
CA LEU B 234 -28.03 23.50 3.84
C LEU B 234 -28.05 24.75 4.74
N ALA B 235 -27.73 24.59 6.04
CA ALA B 235 -27.73 25.72 6.95
C ALA B 235 -26.63 26.70 6.55
N THR B 236 -25.44 26.16 6.27
CA THR B 236 -24.27 26.96 5.94
C THR B 236 -24.49 27.81 4.70
N ILE B 237 -25.14 27.26 3.67
CA ILE B 237 -25.38 27.98 2.43
C ILE B 237 -26.13 29.28 2.74
N GLY B 238 -27.16 29.18 3.59
CA GLY B 238 -27.96 30.33 4.01
C GLY B 238 -27.18 31.26 4.92
N ALA B 239 -26.62 30.71 6.00
CA ALA B 239 -25.98 31.54 7.00
C ALA B 239 -24.75 32.24 6.41
N GLU B 240 -23.99 31.57 5.52
CA GLU B 240 -22.75 32.15 4.99
C GLU B 240 -22.96 32.72 3.59
N ARG B 241 -24.16 32.56 3.03
CA ARG B 241 -24.49 33.15 1.74
C ARG B 241 -23.52 32.62 0.67
N THR B 242 -23.37 31.29 0.58
CA THR B 242 -22.40 30.73 -0.36
C THR B 242 -22.91 30.87 -1.78
N THR B 243 -22.00 31.15 -2.73
CA THR B 243 -22.36 31.17 -4.13
C THR B 243 -22.13 29.80 -4.77
N HIS B 244 -21.25 28.99 -4.19
CA HIS B 244 -20.90 27.70 -4.77
C HIS B 244 -20.75 26.67 -3.65
N VAL B 245 -21.05 25.40 -3.95
CA VAL B 245 -20.59 24.31 -3.09
C VAL B 245 -20.27 23.13 -4.00
N PHE B 246 -19.02 22.68 -3.95
CA PHE B 246 -18.59 21.59 -4.82
C PHE B 246 -19.00 20.25 -4.20
N CYS B 247 -19.70 19.43 -4.99
CA CYS B 247 -20.32 18.21 -4.47
C CYS B 247 -19.91 16.97 -5.28
N ALA B 248 -19.71 15.87 -4.57
CA ALA B 248 -19.85 14.54 -5.18
C ALA B 248 -21.31 14.36 -5.60
N PRO B 249 -21.61 13.57 -6.67
CA PRO B 249 -22.98 13.45 -7.16
C PRO B 249 -23.95 12.99 -6.07
N GLY B 250 -23.51 12.05 -5.23
CA GLY B 250 -24.33 11.56 -4.13
C GLY B 250 -24.69 12.67 -3.14
N TRP B 251 -23.77 13.61 -2.92
CA TRP B 251 -24.07 14.75 -2.06
C TRP B 251 -25.25 15.55 -2.62
N VAL B 252 -25.23 15.78 -3.95
CA VAL B 252 -26.30 16.50 -4.59
C VAL B 252 -27.64 15.84 -4.21
N TYR B 253 -27.71 14.50 -4.31
CA TYR B 253 -29.00 13.83 -4.11
C TYR B 253 -29.43 14.00 -2.65
N GLN B 254 -28.46 14.00 -1.72
CA GLN B 254 -28.72 14.15 -0.31
C GLN B 254 -29.30 15.53 0.01
N LEU B 255 -28.77 16.58 -0.63
CA LEU B 255 -29.27 17.93 -0.45
C LEU B 255 -30.69 18.03 -0.98
N ALA B 256 -30.91 17.52 -2.20
CA ALA B 256 -32.17 17.74 -2.87
C ALA B 256 -33.30 16.96 -2.20
N GLU B 257 -32.97 15.88 -1.49
CA GLU B 257 -33.97 14.98 -0.91
C GLU B 257 -34.15 15.27 0.59
N HIS B 258 -33.32 16.14 1.17
CA HIS B 258 -33.33 16.33 2.62
C HIS B 258 -34.63 17.03 3.04
N PRO B 259 -35.25 16.63 4.18
CA PRO B 259 -36.50 17.27 4.63
C PRO B 259 -36.36 18.77 4.90
N ALA B 260 -35.18 19.17 5.39
CA ALA B 260 -34.86 20.56 5.71
C ALA B 260 -34.63 21.44 4.47
N LEU B 261 -34.83 20.93 3.24
CA LEU B 261 -34.54 21.72 2.04
C LEU B 261 -35.54 22.87 1.93
N ALA B 262 -36.83 22.54 2.15
CA ALA B 262 -37.92 23.51 2.18
C ALA B 262 -37.58 24.72 3.04
N ASP B 263 -36.96 24.50 4.22
CA ASP B 263 -36.70 25.58 5.17
C ASP B 263 -35.37 26.29 4.87
N ALA B 264 -34.53 25.72 4.01
CA ALA B 264 -33.20 26.29 3.81
C ALA B 264 -33.31 27.47 2.86
N ASP B 265 -32.34 28.38 2.91
CA ASP B 265 -32.30 29.51 1.99
C ASP B 265 -31.14 29.30 1.02
N LEU B 266 -31.47 28.97 -0.23
CA LEU B 266 -30.47 28.63 -1.23
C LEU B 266 -30.28 29.79 -2.24
N SER B 267 -30.90 30.94 -1.95
CA SER B 267 -31.02 32.02 -2.92
C SER B 267 -29.64 32.58 -3.31
N SER B 268 -28.63 32.46 -2.44
CA SER B 268 -27.32 33.01 -2.74
C SER B 268 -26.53 32.16 -3.74
N LEU B 269 -26.91 30.89 -3.94
CA LEU B 269 -26.18 30.00 -4.82
C LEU B 269 -26.24 30.49 -6.28
N THR B 270 -25.05 30.59 -6.90
CA THR B 270 -24.91 30.66 -8.34
C THR B 270 -24.86 29.25 -8.95
N GLN B 271 -24.18 28.31 -8.28
CA GLN B 271 -23.93 26.97 -8.83
C GLN B 271 -23.78 25.95 -7.73
N ILE B 272 -24.13 24.72 -8.08
CA ILE B 272 -23.70 23.56 -7.35
C ILE B 272 -22.90 22.71 -8.32
N PRO B 273 -21.58 22.93 -8.45
CA PRO B 273 -20.78 22.12 -9.35
C PRO B 273 -20.63 20.76 -8.71
N TYR B 274 -20.65 19.71 -9.54
CA TYR B 274 -20.54 18.37 -9.01
C TYR B 274 -19.70 17.53 -9.96
N GLY B 275 -19.05 16.49 -9.38
CA GLY B 275 -18.43 15.41 -10.13
C GLY B 275 -17.51 14.59 -9.23
N GLY B 276 -16.56 13.87 -9.85
CA GLY B 276 -15.57 13.08 -9.13
C GLY B 276 -15.88 11.59 -9.23
N ALA B 277 -17.16 11.26 -9.39
CA ALA B 277 -17.68 9.90 -9.46
C ALA B 277 -18.85 9.93 -10.45
N PRO B 278 -19.26 8.80 -11.08
CA PRO B 278 -20.34 8.81 -12.06
C PRO B 278 -21.66 9.30 -11.47
N SER B 279 -22.32 10.25 -12.16
CA SER B 279 -23.64 10.67 -11.73
C SER B 279 -24.66 9.61 -12.18
N THR B 280 -25.85 9.65 -11.58
CA THR B 280 -26.98 8.90 -12.08
C THR B 280 -27.93 9.89 -12.73
N PRO B 281 -28.06 9.90 -14.06
CA PRO B 281 -28.81 10.98 -14.72
C PRO B 281 -30.20 11.25 -14.17
N ALA B 282 -30.97 10.21 -13.87
CA ALA B 282 -32.35 10.40 -13.45
C ALA B 282 -32.40 11.06 -12.07
N ARG B 283 -31.43 10.75 -11.22
CA ARG B 283 -31.30 11.35 -9.90
C ARG B 283 -30.86 12.80 -10.00
N ILE B 284 -29.98 13.15 -10.96
CA ILE B 284 -29.69 14.55 -11.26
C ILE B 284 -30.93 15.28 -11.76
N ALA B 285 -31.73 14.65 -12.63
CA ALA B 285 -32.97 15.23 -13.09
C ALA B 285 -33.90 15.54 -11.92
N ASP B 286 -34.04 14.60 -10.96
CA ASP B 286 -34.86 14.84 -9.77
C ASP B 286 -34.32 15.99 -8.93
N ALA B 287 -32.98 16.12 -8.84
CA ALA B 287 -32.37 17.19 -8.07
C ALA B 287 -32.66 18.56 -8.69
N LEU B 288 -32.59 18.63 -10.01
CA LEU B 288 -32.92 19.88 -10.74
C LEU B 288 -34.35 20.31 -10.37
N GLU B 289 -35.29 19.39 -10.47
CA GLU B 289 -36.70 19.70 -10.16
C GLU B 289 -36.81 20.17 -8.71
N LYS B 290 -36.20 19.46 -7.79
CA LYS B 290 -36.32 19.80 -6.35
C LYS B 290 -35.66 21.15 -6.06
N LEU B 291 -34.59 21.49 -6.77
CA LEU B 291 -33.84 22.75 -6.48
C LEU B 291 -34.57 23.94 -7.11
N GLY B 292 -35.31 23.72 -8.18
CA GLY B 292 -36.12 24.79 -8.78
C GLY B 292 -35.41 25.66 -9.79
N ARG B 293 -34.07 25.60 -9.84
CA ARG B 293 -33.31 26.51 -10.74
C ARG B 293 -32.13 25.76 -11.36
N PRO B 294 -31.65 26.14 -12.57
CA PRO B 294 -30.45 25.51 -13.14
C PRO B 294 -29.20 25.82 -12.34
N LEU B 295 -28.96 25.05 -11.29
CA LEU B 295 -27.80 25.28 -10.43
C LEU B 295 -26.66 24.32 -10.78
N LEU B 296 -27.00 23.17 -11.34
CA LEU B 296 -26.07 22.05 -11.39
C LEU B 296 -25.13 22.22 -12.60
N VAL B 297 -23.84 22.05 -12.31
CA VAL B 297 -22.79 22.10 -13.33
C VAL B 297 -21.95 20.83 -13.18
N HIS B 298 -21.88 20.00 -14.23
CA HIS B 298 -21.18 18.74 -14.16
C HIS B 298 -19.70 18.93 -14.54
N CYS B 299 -18.80 18.51 -13.64
CA CYS B 299 -17.36 18.72 -13.81
C CYS B 299 -16.64 17.36 -13.90
N TYR B 300 -15.87 17.19 -14.99
CA TYR B 300 -15.07 16.01 -15.22
C TYR B 300 -13.60 16.43 -15.22
N GLY B 301 -12.88 15.89 -14.25
CA GLY B 301 -11.47 16.16 -14.04
C GLY B 301 -10.78 15.02 -13.31
N SER B 302 -9.46 15.13 -13.19
CA SER B 302 -8.69 14.20 -12.36
C SER B 302 -7.47 14.94 -11.86
N GLN B 303 -6.81 14.40 -10.84
CA GLN B 303 -5.61 14.98 -10.29
CA GLN B 303 -5.66 15.12 -10.34
C GLN B 303 -4.54 15.08 -11.38
N GLU B 304 -4.47 14.05 -12.25
CA GLU B 304 -3.49 14.00 -13.33
C GLU B 304 -3.80 15.03 -14.43
N GLY B 305 -5.09 15.20 -14.75
CA GLY B 305 -5.52 15.88 -15.95
C GLY B 305 -6.04 17.30 -15.70
N GLY B 306 -6.24 17.68 -14.45
CA GLY B 306 -6.97 18.92 -14.20
C GLY B 306 -8.42 18.78 -14.62
N TRP B 307 -9.06 19.91 -14.97
CA TRP B 307 -10.42 19.91 -15.52
C TRP B 307 -10.35 19.53 -17.00
N MET B 308 -11.20 18.57 -17.41
CA MET B 308 -11.16 18.04 -18.75
C MET B 308 -12.39 18.49 -19.52
N THR B 309 -13.59 18.28 -18.94
CA THR B 309 -14.81 18.81 -19.53
C THR B 309 -15.73 19.35 -18.44
N TRP B 310 -16.72 20.15 -18.87
CA TRP B 310 -17.81 20.52 -18.00
C TRP B 310 -19.13 20.66 -18.78
N LEU B 311 -20.22 20.24 -18.14
CA LEU B 311 -21.54 20.51 -18.66
C LEU B 311 -22.17 21.68 -17.92
N SER B 312 -22.44 22.78 -18.64
CA SER B 312 -22.91 24.02 -18.02
C SER B 312 -24.29 23.81 -17.40
N ALA B 313 -24.69 24.71 -16.49
CA ALA B 313 -26.02 24.69 -15.90
C ALA B 313 -27.09 24.79 -17.00
N GLU B 314 -26.86 25.62 -18.02
CA GLU B 314 -27.86 25.80 -19.06
C GLU B 314 -27.95 24.56 -19.96
N ASP B 315 -26.84 23.82 -20.14
CA ASP B 315 -26.90 22.59 -20.91
C ASP B 315 -27.64 21.50 -20.17
N HIS B 316 -27.80 21.59 -18.84
CA HIS B 316 -28.67 20.65 -18.12
C HIS B 316 -30.14 20.77 -18.52
N VAL B 317 -30.57 21.94 -19.03
CA VAL B 317 -31.97 22.19 -19.36
C VAL B 317 -32.12 22.62 -20.81
N ARG B 318 -31.12 22.30 -21.65
CA ARG B 318 -31.18 22.62 -23.06
C ARG B 318 -32.49 22.07 -23.66
N ALA B 319 -33.26 22.92 -24.33
CA ALA B 319 -34.61 22.58 -24.75
C ALA B 319 -34.64 21.38 -25.71
N ASP B 320 -33.67 21.30 -26.64
CA ASP B 320 -33.77 20.42 -27.79
C ASP B 320 -32.85 19.21 -27.65
N ARG B 321 -32.22 19.05 -26.48
CA ARG B 321 -31.31 17.94 -26.23
C ARG B 321 -31.56 17.37 -24.84
N TYR B 322 -31.09 16.15 -24.59
CA TYR B 322 -31.00 15.59 -23.25
C TYR B 322 -29.54 15.25 -23.01
N LEU B 323 -28.88 15.86 -22.03
CA LEU B 323 -27.43 15.74 -21.94
C LEU B 323 -26.99 15.28 -20.55
N LEU B 324 -27.90 14.74 -19.74
CA LEU B 324 -27.56 14.46 -18.35
C LEU B 324 -26.65 13.25 -18.25
N ASN B 325 -26.53 12.46 -19.32
CA ASN B 325 -25.53 11.38 -19.38
C ASN B 325 -24.19 11.85 -19.98
N SER B 326 -24.02 13.16 -20.17
CA SER B 326 -22.77 13.74 -20.67
C SER B 326 -22.02 14.42 -19.53
N VAL B 327 -20.67 14.45 -19.62
CA VAL B 327 -19.84 15.26 -18.74
C VAL B 327 -19.42 16.56 -19.43
N GLY B 328 -20.03 16.85 -20.58
CA GLY B 328 -19.95 18.18 -21.16
C GLY B 328 -18.86 18.28 -22.24
N LYS B 329 -18.35 19.48 -22.41
CA LYS B 329 -17.44 19.81 -23.49
C LYS B 329 -16.08 20.21 -22.93
N ALA B 330 -15.05 20.10 -23.80
CA ALA B 330 -13.67 20.41 -23.46
C ALA B 330 -13.55 21.81 -22.88
N LEU B 331 -12.67 21.95 -21.87
CA LEU B 331 -12.27 23.27 -21.44
C LEU B 331 -11.47 23.97 -22.53
N PRO B 332 -11.52 25.33 -22.60
CA PRO B 332 -10.70 26.08 -23.55
C PRO B 332 -9.27 25.58 -23.37
N GLY B 333 -8.64 25.24 -24.50
CA GLY B 333 -7.23 24.88 -24.53
C GLY B 333 -7.00 23.39 -24.29
N THR B 334 -8.07 22.62 -24.02
CA THR B 334 -7.97 21.18 -23.79
C THR B 334 -8.31 20.46 -25.09
N GLU B 335 -7.44 19.55 -25.51
CA GLU B 335 -7.68 18.70 -26.67
C GLU B 335 -8.05 17.33 -26.17
N ILE B 336 -9.05 16.72 -26.80
CA ILE B 336 -9.53 15.41 -26.45
C ILE B 336 -9.43 14.53 -27.67
N ALA B 337 -8.79 13.37 -27.51
CA ALA B 337 -8.70 12.33 -28.50
C ALA B 337 -9.28 11.07 -27.90
N ILE B 338 -10.01 10.30 -28.72
CA ILE B 338 -10.62 9.07 -28.27
C ILE B 338 -9.84 7.98 -28.98
N ARG B 339 -9.22 7.07 -28.24
CA ARG B 339 -8.23 6.19 -28.85
C ARG B 339 -8.54 4.73 -28.59
N ASP B 340 -8.21 3.89 -29.58
CA ASP B 340 -8.35 2.45 -29.40
C ASP B 340 -7.22 1.93 -28.52
N GLN B 341 -7.30 0.63 -28.28
CA GLN B 341 -6.38 -0.05 -27.38
C GLN B 341 -4.93 0.04 -27.89
N ASP B 342 -4.73 0.29 -29.19
CA ASP B 342 -3.38 0.42 -29.74
C ASP B 342 -2.92 1.87 -29.78
N GLY B 343 -3.82 2.81 -29.49
CA GLY B 343 -3.44 4.21 -29.44
C GLY B 343 -3.84 4.99 -30.69
N ALA B 344 -4.71 4.41 -31.53
CA ALA B 344 -5.16 5.04 -32.76
C ALA B 344 -6.33 5.99 -32.49
N ASP B 345 -6.33 7.18 -33.09
CA ASP B 345 -7.42 8.14 -32.93
C ASP B 345 -8.67 7.62 -33.64
N LEU B 346 -9.82 7.70 -32.98
CA LEU B 346 -11.06 7.17 -33.53
C LEU B 346 -11.95 8.33 -33.97
N PRO B 347 -12.78 8.13 -35.00
CA PRO B 347 -13.69 9.19 -35.44
C PRO B 347 -14.77 9.47 -34.41
N VAL B 348 -15.20 10.72 -34.39
CA VAL B 348 -16.19 11.22 -33.45
C VAL B 348 -17.43 10.34 -33.57
N GLY B 349 -17.85 9.82 -32.42
CA GLY B 349 -18.98 8.90 -32.35
C GLY B 349 -18.55 7.52 -31.84
N THR B 350 -17.26 7.21 -31.98
CA THR B 350 -16.75 5.90 -31.61
C THR B 350 -16.40 5.86 -30.11
N VAL B 351 -16.58 4.70 -29.47
CA VAL B 351 -16.09 4.50 -28.11
C VAL B 351 -14.61 4.16 -28.12
N GLY B 352 -13.84 4.84 -27.26
CA GLY B 352 -12.46 4.46 -26.96
C GLY B 352 -11.96 5.16 -25.71
N GLU B 353 -10.64 5.16 -25.49
CA GLU B 353 -10.13 5.74 -24.26
C GLU B 353 -10.03 7.24 -24.45
N VAL B 354 -10.53 7.97 -23.44
CA VAL B 354 -10.42 9.41 -23.37
C VAL B 354 -8.97 9.78 -23.05
N CYS B 355 -8.33 10.47 -24.00
CA CYS B 355 -6.98 11.00 -23.85
C CYS B 355 -7.00 12.53 -24.01
N VAL B 356 -6.24 13.25 -23.18
CA VAL B 356 -6.37 14.69 -23.09
C VAL B 356 -4.99 15.36 -23.09
N ARG B 357 -4.92 16.51 -23.75
CA ARG B 357 -3.71 17.33 -23.73
C ARG B 357 -4.09 18.76 -23.41
N SER B 358 -3.47 19.31 -22.36
CA SER B 358 -3.67 20.70 -21.96
C SER B 358 -2.51 21.10 -21.04
N THR B 359 -2.43 22.39 -20.70
CA THR B 359 -1.42 22.87 -19.78
C THR B 359 -1.79 22.57 -18.32
N MET B 360 -2.95 21.94 -18.08
CA MET B 360 -3.36 21.55 -16.74
C MET B 360 -2.81 20.18 -16.35
N LEU B 361 -2.16 19.48 -17.28
CA LEU B 361 -1.60 18.16 -16.98
C LEU B 361 -0.62 18.25 -15.81
N MET B 362 -0.62 17.21 -14.98
CA MET B 362 0.29 17.15 -13.85
C MET B 362 1.74 17.21 -14.32
N ARG B 363 2.64 17.61 -13.42
CA ARG B 363 4.07 17.49 -13.63
C ARG B 363 4.42 15.99 -13.75
N GLY B 364 3.74 15.13 -12.97
CA GLY B 364 3.94 13.69 -13.06
C GLY B 364 3.75 13.05 -11.69
N TYR B 365 3.88 11.72 -11.63
CA TYR B 365 3.70 11.01 -10.37
C TYR B 365 4.99 11.14 -9.56
N TRP B 366 4.87 11.40 -8.25
CA TRP B 366 6.04 11.55 -7.39
C TRP B 366 6.85 10.26 -7.37
N ARG B 367 8.07 10.30 -7.94
CA ARG B 367 9.04 9.21 -7.89
C ARG B 367 8.51 7.94 -8.54
N LEU B 368 7.65 8.05 -9.56
CA LEU B 368 7.16 6.88 -10.25
C LEU B 368 7.31 7.14 -11.74
N PRO B 369 8.58 7.28 -12.25
CA PRO B 369 8.80 7.63 -13.65
C PRO B 369 8.27 6.61 -14.66
N GLU B 370 8.30 5.32 -14.33
CA GLU B 370 7.78 4.30 -15.22
C GLU B 370 6.28 4.48 -15.40
N LEU B 371 5.56 4.64 -14.28
CA LEU B 371 4.11 4.81 -14.39
C LEU B 371 3.77 6.09 -15.14
N THR B 372 4.55 7.15 -14.90
CA THR B 372 4.29 8.45 -15.50
C THR B 372 4.41 8.28 -17.02
N ALA B 373 5.45 7.59 -17.47
CA ALA B 373 5.69 7.44 -18.90
C ALA B 373 4.61 6.52 -19.51
N LYS B 374 4.00 5.67 -18.68
CA LYS B 374 2.88 4.85 -19.11
C LYS B 374 1.60 5.69 -19.24
N THR B 375 1.46 6.75 -18.44
CA THR B 375 0.16 7.38 -18.23
C THR B 375 0.01 8.57 -19.17
N VAL B 376 1.14 9.25 -19.36
CA VAL B 376 1.27 10.42 -20.21
C VAL B 376 2.26 10.03 -21.29
N ARG B 377 1.78 9.92 -22.52
CA ARG B 377 2.62 9.52 -23.65
C ARG B 377 2.55 10.63 -24.69
N ASP B 378 3.73 11.16 -25.06
CA ASP B 378 3.89 12.21 -26.04
C ASP B 378 2.99 13.40 -25.67
N GLY B 379 2.88 13.68 -24.38
CA GLY B 379 2.12 14.83 -23.94
C GLY B 379 0.63 14.54 -23.73
N TRP B 380 0.17 13.30 -23.95
CA TRP B 380 -1.25 12.96 -23.84
C TRP B 380 -1.50 12.11 -22.60
N LEU B 381 -2.43 12.58 -21.75
CA LEU B 381 -2.90 11.78 -20.64
C LEU B 381 -3.87 10.73 -21.13
N HIS B 382 -3.53 9.46 -20.87
CA HIS B 382 -4.45 8.35 -20.98
C HIS B 382 -5.23 8.21 -19.65
N THR B 383 -6.52 8.51 -19.65
CA THR B 383 -7.30 8.63 -18.42
C THR B 383 -7.69 7.28 -17.84
N GLY B 384 -7.69 6.23 -18.66
CA GLY B 384 -8.28 4.94 -18.29
C GLY B 384 -9.81 4.96 -18.31
N ASP B 385 -10.43 6.08 -18.70
CA ASP B 385 -11.87 6.17 -18.93
C ASP B 385 -12.19 5.90 -20.39
N LEU B 386 -13.31 5.22 -20.63
CA LEU B 386 -13.81 5.04 -21.98
C LEU B 386 -15.02 5.94 -22.24
N GLY B 387 -15.14 6.40 -23.47
CA GLY B 387 -16.22 7.29 -23.82
C GLY B 387 -16.30 7.54 -25.32
N ARG B 388 -17.25 8.39 -25.70
CA ARG B 388 -17.44 8.76 -27.14
C ARG B 388 -17.94 10.20 -27.26
N LEU B 389 -17.34 10.99 -28.15
CA LEU B 389 -17.76 12.35 -28.43
C LEU B 389 -18.97 12.34 -29.35
N ASP B 390 -19.72 13.45 -29.38
CA ASP B 390 -20.72 13.67 -30.43
C ASP B 390 -20.30 14.87 -31.26
N THR B 391 -21.10 15.20 -32.29
CA THR B 391 -20.76 16.21 -33.27
C THR B 391 -20.89 17.63 -32.70
N GLU B 392 -21.44 17.78 -31.48
CA GLU B 392 -21.45 19.06 -30.82
C GLU B 392 -20.29 19.18 -29.82
N GLY B 393 -19.46 18.14 -29.67
CA GLY B 393 -18.34 18.17 -28.74
C GLY B 393 -18.66 17.64 -27.33
N TYR B 394 -19.89 17.14 -27.10
CA TYR B 394 -20.19 16.54 -25.80
C TYR B 394 -19.47 15.20 -25.65
N LEU B 395 -18.92 14.97 -24.45
CA LEU B 395 -18.29 13.70 -24.09
C LEU B 395 -19.24 12.86 -23.24
N TYR B 396 -19.34 11.58 -23.57
CA TYR B 396 -20.13 10.62 -22.82
C TYR B 396 -19.23 9.49 -22.33
N LEU B 397 -19.05 9.41 -21.01
CA LEU B 397 -18.31 8.29 -20.43
C LEU B 397 -19.20 7.06 -20.37
N VAL B 398 -18.71 5.91 -20.83
CA VAL B 398 -19.44 4.65 -20.87
C VAL B 398 -18.82 3.61 -19.92
N ASP B 399 -17.58 3.83 -19.47
CA ASP B 399 -16.94 2.97 -18.48
C ASP B 399 -15.57 3.49 -18.06
N ARG B 400 -15.08 2.94 -16.95
CA ARG B 400 -13.65 2.83 -16.70
C ARG B 400 -13.21 1.57 -17.42
N ALA B 401 -11.98 1.58 -17.95
CA ALA B 401 -11.45 0.50 -18.76
C ALA B 401 -11.44 -0.81 -17.97
N LYS B 402 -11.16 -0.74 -16.67
CA LYS B 402 -11.08 -1.94 -15.85
C LYS B 402 -12.49 -2.49 -15.56
N ASP B 403 -13.55 -1.74 -15.82
CA ASP B 403 -14.89 -2.21 -15.52
C ASP B 403 -15.58 -2.89 -16.71
N VAL B 404 -14.94 -2.86 -17.89
CA VAL B 404 -15.60 -3.29 -19.12
C VAL B 404 -15.86 -4.79 -18.98
N ILE B 405 -16.98 -5.26 -19.50
CA ILE B 405 -17.38 -6.65 -19.34
C ILE B 405 -17.31 -7.30 -20.71
N ILE B 406 -16.50 -8.36 -20.81
CA ILE B 406 -16.32 -9.04 -22.09
C ILE B 406 -17.18 -10.28 -22.12
N VAL B 407 -18.23 -10.24 -22.94
CA VAL B 407 -19.13 -11.36 -23.08
C VAL B 407 -18.91 -11.99 -24.45
N GLU B 408 -18.23 -13.15 -24.47
CA GLU B 408 -17.97 -13.87 -25.70
C GLU B 408 -17.41 -12.89 -26.75
N ALA B 409 -16.35 -12.16 -26.39
CA ALA B 409 -15.67 -11.28 -27.32
C ALA B 409 -16.43 -9.97 -27.62
N TYR B 410 -17.62 -9.75 -27.05
CA TYR B 410 -18.31 -8.47 -27.22
C TYR B 410 -18.07 -7.60 -25.99
N ASN B 411 -18.08 -6.27 -26.17
CA ASN B 411 -17.84 -5.32 -25.10
C ASN B 411 -19.16 -4.81 -24.56
N VAL B 412 -19.36 -5.01 -23.25
CA VAL B 412 -20.50 -4.43 -22.57
C VAL B 412 -19.96 -3.37 -21.60
N TYR B 413 -20.41 -2.12 -21.79
CA TYR B 413 -19.91 -0.98 -21.02
C TYR B 413 -20.83 -0.79 -19.81
N SER B 414 -20.27 -0.98 -18.61
CA SER B 414 -21.09 -1.15 -17.44
C SER B 414 -21.86 0.15 -17.14
N GLN B 415 -21.23 1.32 -17.26
CA GLN B 415 -21.92 2.56 -16.87
C GLN B 415 -23.11 2.84 -17.80
N GLU B 416 -22.92 2.51 -19.09
CA GLU B 416 -23.95 2.74 -20.10
C GLU B 416 -25.17 1.87 -19.78
N VAL B 417 -24.95 0.59 -19.45
CA VAL B 417 -26.02 -0.29 -19.05
C VAL B 417 -26.69 0.27 -17.80
N GLU B 418 -25.90 0.76 -16.83
CA GLU B 418 -26.45 1.31 -15.58
C GLU B 418 -27.42 2.45 -15.86
N HIS B 419 -27.06 3.34 -16.79
CA HIS B 419 -27.89 4.49 -17.11
C HIS B 419 -29.22 4.07 -17.72
N VAL B 420 -29.22 2.97 -18.49
CA VAL B 420 -30.46 2.50 -19.06
C VAL B 420 -31.34 2.00 -17.90
N LEU B 421 -30.75 1.26 -16.97
CA LEU B 421 -31.50 0.72 -15.84
C LEU B 421 -32.05 1.84 -14.97
N THR B 422 -31.20 2.84 -14.63
CA THR B 422 -31.62 3.89 -13.70
C THR B 422 -32.62 4.83 -14.36
N GLY B 423 -32.51 4.95 -15.68
CA GLY B 423 -33.50 5.69 -16.48
C GLY B 423 -34.92 5.16 -16.32
N HIS B 424 -35.08 3.86 -16.05
CA HIS B 424 -36.40 3.29 -15.76
C HIS B 424 -36.95 3.90 -14.46
N PRO B 425 -38.24 4.35 -14.44
CA PRO B 425 -38.84 4.94 -13.24
C PRO B 425 -38.88 4.04 -12.01
N ASP B 426 -38.86 2.73 -12.20
CA ASP B 426 -38.89 1.80 -11.09
C ASP B 426 -37.53 1.66 -10.43
N VAL B 427 -36.45 2.15 -11.08
CA VAL B 427 -35.08 1.93 -10.61
C VAL B 427 -34.46 3.25 -10.16
N ARG B 428 -33.92 3.24 -8.93
CA ARG B 428 -33.36 4.45 -8.33
C ARG B 428 -31.85 4.49 -8.59
N TYR B 429 -31.18 3.39 -8.27
CA TYR B 429 -29.74 3.22 -8.41
C TYR B 429 -29.44 1.86 -9.03
N ALA B 430 -28.32 1.74 -9.73
CA ALA B 430 -27.90 0.46 -10.29
C ALA B 430 -26.38 0.41 -10.36
N ALA B 431 -25.84 -0.81 -10.26
CA ALA B 431 -24.43 -1.09 -10.45
C ALA B 431 -24.33 -2.33 -11.30
N VAL B 432 -23.48 -2.27 -12.32
CA VAL B 432 -23.33 -3.37 -13.27
C VAL B 432 -21.88 -3.83 -13.23
N VAL B 433 -21.72 -5.16 -13.09
CA VAL B 433 -20.39 -5.74 -13.04
C VAL B 433 -20.42 -7.07 -13.77
N GLY B 434 -19.23 -7.51 -14.15
CA GLY B 434 -19.09 -8.82 -14.73
C GLY B 434 -18.82 -9.87 -13.65
N VAL B 435 -19.38 -11.05 -13.86
CA VAL B 435 -19.10 -12.19 -13.02
C VAL B 435 -18.72 -13.37 -13.92
N PRO B 436 -18.09 -14.44 -13.37
CA PRO B 436 -17.72 -15.61 -14.16
C PRO B 436 -18.91 -16.25 -14.85
N ASP B 437 -18.69 -16.70 -16.09
CA ASP B 437 -19.64 -17.48 -16.84
C ASP B 437 -18.90 -18.59 -17.56
N HIS B 438 -19.40 -19.83 -17.44
CA HIS B 438 -18.72 -20.98 -18.02
C HIS B 438 -18.69 -20.83 -19.54
N ASP B 439 -19.83 -20.39 -20.11
CA ASP B 439 -20.03 -20.37 -21.55
C ASP B 439 -19.48 -19.08 -22.17
N THR B 440 -19.75 -17.90 -21.57
CA THR B 440 -19.35 -16.65 -22.21
C THR B 440 -18.16 -16.00 -21.52
N THR B 441 -17.53 -16.73 -20.57
CA THR B 441 -16.38 -16.24 -19.81
C THR B 441 -16.77 -15.21 -18.75
N GLU B 442 -17.40 -14.11 -19.16
CA GLU B 442 -18.06 -13.18 -18.26
C GLU B 442 -19.53 -13.06 -18.63
N ALA B 443 -20.37 -12.90 -17.60
CA ALA B 443 -21.76 -12.56 -17.78
C ALA B 443 -22.02 -11.19 -17.17
N VAL B 444 -23.12 -10.54 -17.59
CA VAL B 444 -23.49 -9.23 -17.07
C VAL B 444 -24.34 -9.42 -15.83
N TYR B 445 -23.85 -8.90 -14.68
CA TYR B 445 -24.60 -8.82 -13.43
C TYR B 445 -24.97 -7.36 -13.15
N ALA B 446 -26.24 -7.13 -12.81
CA ALA B 446 -26.70 -5.83 -12.32
C ALA B 446 -27.39 -5.98 -10.96
N ALA B 447 -27.02 -5.07 -10.06
CA ALA B 447 -27.76 -4.83 -8.83
C ALA B 447 -28.55 -3.54 -9.01
N VAL B 448 -29.86 -3.60 -8.73
CA VAL B 448 -30.74 -2.45 -8.81
C VAL B 448 -31.45 -2.24 -7.47
N VAL B 449 -31.42 -0.97 -7.03
CA VAL B 449 -32.15 -0.47 -5.88
C VAL B 449 -33.47 0.12 -6.39
N PRO B 450 -34.62 -0.45 -5.96
CA PRO B 450 -35.92 0.03 -6.40
C PRO B 450 -36.16 1.44 -5.92
N ALA B 451 -36.93 2.23 -6.68
CA ALA B 451 -37.40 3.52 -6.22
C ALA B 451 -38.45 3.33 -5.12
N GLU B 452 -38.72 4.43 -4.42
CA GLU B 452 -39.52 4.45 -3.20
C GLU B 452 -40.91 3.87 -3.41
N GLY B 453 -41.58 4.22 -4.50
CA GLY B 453 -43.00 3.93 -4.62
C GLY B 453 -43.29 2.48 -5.01
N VAL B 454 -42.30 1.78 -5.59
CA VAL B 454 -42.59 0.66 -6.48
C VAL B 454 -42.51 -0.66 -5.70
N GLY B 455 -43.41 -1.59 -6.03
CA GLY B 455 -43.39 -2.91 -5.43
C GLY B 455 -42.34 -3.81 -6.07
N GLU B 456 -42.81 -4.86 -6.76
CA GLU B 456 -41.93 -5.82 -7.40
C GLU B 456 -41.36 -5.16 -8.66
N ILE B 457 -40.05 -5.19 -8.79
CA ILE B 457 -39.41 -4.88 -10.05
C ILE B 457 -39.75 -5.98 -11.06
N ASP B 458 -40.16 -5.57 -12.26
CA ASP B 458 -40.29 -6.47 -13.38
C ASP B 458 -38.93 -6.59 -14.08
N VAL B 459 -38.19 -7.66 -13.72
CA VAL B 459 -36.82 -7.85 -14.17
C VAL B 459 -36.80 -8.14 -15.67
N ASP B 460 -37.85 -8.76 -16.21
CA ASP B 460 -37.92 -9.02 -17.64
C ASP B 460 -38.14 -7.72 -18.38
N GLU B 461 -38.91 -6.80 -17.81
CA GLU B 461 -39.04 -5.47 -18.41
C GLU B 461 -37.67 -4.77 -18.48
N LEU B 462 -36.90 -4.83 -17.39
CA LEU B 462 -35.58 -4.21 -17.37
C LEU B 462 -34.66 -4.83 -18.39
N ARG B 463 -34.66 -6.17 -18.55
CA ARG B 463 -33.80 -6.80 -19.55
C ARG B 463 -34.20 -6.38 -20.96
N ALA B 464 -35.51 -6.36 -21.21
CA ALA B 464 -36.01 -5.91 -22.50
C ALA B 464 -35.55 -4.47 -22.81
N LEU B 465 -35.56 -3.58 -21.82
CA LEU B 465 -35.21 -2.19 -22.04
C LEU B 465 -33.75 -2.11 -22.48
N VAL B 466 -32.88 -2.89 -21.81
CA VAL B 466 -31.47 -2.88 -22.14
C VAL B 466 -31.28 -3.44 -23.55
N ARG B 467 -31.92 -4.60 -23.79
CA ARG B 467 -31.87 -5.27 -25.08
C ARG B 467 -32.25 -4.30 -26.21
N THR B 468 -33.30 -3.51 -26.03
CA THR B 468 -33.83 -2.72 -27.14
C THR B 468 -33.21 -1.32 -27.17
N THR B 469 -32.27 -1.03 -26.25
CA THR B 469 -31.53 0.23 -26.28
C THR B 469 -30.11 0.00 -26.78
N LEU B 470 -29.44 -0.99 -26.19
CA LEU B 470 -28.04 -1.25 -26.45
C LEU B 470 -27.86 -2.50 -27.32
N GLY B 471 -28.72 -3.49 -27.11
CA GLY B 471 -28.63 -4.72 -27.86
C GLY B 471 -28.59 -5.92 -26.91
N PRO B 472 -28.78 -7.15 -27.43
CA PRO B 472 -29.00 -8.34 -26.60
C PRO B 472 -27.90 -8.71 -25.60
N VAL B 473 -26.63 -8.57 -26.00
CA VAL B 473 -25.56 -9.05 -25.18
C VAL B 473 -25.34 -8.13 -23.98
N HIS B 474 -25.86 -6.89 -24.05
CA HIS B 474 -25.77 -5.92 -22.95
C HIS B 474 -26.77 -6.24 -21.83
N GLU B 475 -27.80 -7.04 -22.12
CA GLU B 475 -28.77 -7.49 -21.15
C GLU B 475 -28.11 -8.10 -19.90
N PRO B 476 -28.51 -7.70 -18.67
CA PRO B 476 -28.12 -8.45 -17.47
C PRO B 476 -28.68 -9.87 -17.47
N LYS B 477 -27.77 -10.85 -17.55
CA LYS B 477 -28.11 -12.25 -17.32
C LYS B 477 -28.59 -12.40 -15.88
N HIS B 478 -27.79 -11.90 -14.94
CA HIS B 478 -28.18 -11.91 -13.53
C HIS B 478 -28.62 -10.49 -13.15
N LEU B 479 -29.85 -10.39 -12.64
CA LEU B 479 -30.44 -9.11 -12.29
C LEU B 479 -31.04 -9.22 -10.89
N ASP B 480 -30.33 -8.59 -9.95
CA ASP B 480 -30.45 -8.82 -8.52
C ASP B 480 -31.00 -7.55 -7.91
N VAL B 481 -32.22 -7.65 -7.34
CA VAL B 481 -32.80 -6.55 -6.57
C VAL B 481 -32.10 -6.53 -5.22
N VAL B 482 -31.56 -5.38 -4.85
CA VAL B 482 -30.76 -5.25 -3.64
C VAL B 482 -31.28 -4.07 -2.84
N ASP B 483 -30.93 -4.08 -1.55
CA ASP B 483 -31.27 -2.99 -0.64
C ASP B 483 -30.33 -1.82 -0.86
N THR B 484 -29.07 -2.11 -1.18
CA THR B 484 -28.02 -1.12 -1.11
C THR B 484 -26.87 -1.51 -2.05
N ILE B 485 -26.16 -0.51 -2.56
CA ILE B 485 -25.00 -0.77 -3.39
C ILE B 485 -23.74 -0.40 -2.59
N PRO B 486 -22.84 -1.35 -2.26
CA PRO B 486 -21.68 -1.03 -1.42
C PRO B 486 -20.77 0.01 -2.08
N THR B 487 -20.06 0.80 -1.24
CA THR B 487 -19.39 2.01 -1.68
C THR B 487 -17.89 1.95 -1.41
N THR B 488 -17.18 2.90 -2.05
CA THR B 488 -15.77 3.19 -1.81
C THR B 488 -15.66 4.07 -0.55
N PRO B 489 -14.45 4.47 -0.09
CA PRO B 489 -14.33 5.41 1.03
C PRO B 489 -15.10 6.72 0.84
N PRO B 493 -18.29 3.48 -5.71
CA PRO B 493 -19.23 2.35 -5.87
C PRO B 493 -18.46 1.05 -6.05
N ASP B 494 -18.64 0.10 -5.12
CA ASP B 494 -17.64 -0.94 -4.85
C ASP B 494 -17.88 -2.17 -5.71
N LYS B 495 -17.39 -2.12 -6.94
CA LYS B 495 -17.71 -3.15 -7.90
C LYS B 495 -17.04 -4.48 -7.52
N SER B 496 -15.84 -4.46 -6.92
CA SER B 496 -15.20 -5.72 -6.59
C SER B 496 -15.97 -6.41 -5.47
N ALA B 497 -16.51 -5.63 -4.54
CA ALA B 497 -17.36 -6.16 -3.47
C ALA B 497 -18.62 -6.80 -4.04
N LEU B 498 -19.23 -6.19 -5.07
CA LEU B 498 -20.40 -6.80 -5.70
C LEU B 498 -20.05 -8.12 -6.34
N ARG B 499 -18.91 -8.16 -7.04
CA ARG B 499 -18.42 -9.35 -7.71
C ARG B 499 -18.22 -10.47 -6.69
N THR B 500 -17.72 -10.12 -5.48
CA THR B 500 -17.43 -11.06 -4.42
C THR B 500 -18.71 -11.62 -3.79
N ARG B 501 -19.65 -10.73 -3.43
CA ARG B 501 -20.89 -11.11 -2.76
C ARG B 501 -21.76 -11.98 -3.68
N TRP B 502 -21.54 -11.91 -5.00
CA TRP B 502 -22.29 -12.70 -5.96
C TRP B 502 -21.95 -14.18 -5.86
N ARG B 503 -20.67 -14.54 -5.67
CA ARG B 503 -20.32 -15.92 -5.42
C ARG B 503 -21.23 -16.48 -4.32
N ALA B 504 -21.08 -15.93 -3.11
CA ALA B 504 -21.91 -16.34 -1.99
C ALA B 504 -23.36 -15.89 -2.21
S SO4 C . 22.89 3.82 25.30
O1 SO4 C . 23.03 2.76 24.34
O2 SO4 C . 22.20 3.26 26.45
O3 SO4 C . 22.11 4.89 24.75
O4 SO4 C . 24.17 4.34 25.67
S SO4 D . -4.23 1.41 -6.10
O1 SO4 D . -3.97 0.94 -4.77
O2 SO4 D . -4.53 0.29 -6.97
O3 SO4 D . -5.35 2.31 -6.07
O4 SO4 D . -3.05 2.09 -6.61
S SO4 E . 0.87 -0.46 39.34
O1 SO4 E . 2.05 -0.87 40.06
O2 SO4 E . 0.79 -1.16 38.09
O3 SO4 E . -0.30 -0.77 40.15
O4 SO4 E . 0.92 0.96 39.11
O5' ADN F . 13.05 -8.99 7.79
C5' ADN F . 14.04 -9.50 8.74
C4' ADN F . 14.05 -8.74 10.05
O4' ADN F . 13.32 -9.48 11.06
C3' ADN F . 15.45 -8.52 10.67
O3' ADN F . 16.17 -7.42 10.12
C2' ADN F . 15.15 -8.44 12.19
O2' ADN F . 14.65 -7.25 12.76
C1' ADN F . 14.06 -9.52 12.29
N9 ADN F . 14.65 -10.85 12.47
C8 ADN F . 15.00 -11.81 11.55
N7 ADN F . 15.52 -12.89 12.08
C5 ADN F . 15.51 -12.62 13.45
C6 ADN F . 15.93 -13.39 14.55
N6 ADN F . 16.46 -14.60 14.45
N1 ADN F . 15.78 -12.83 15.79
C2 ADN F . 15.25 -11.59 15.88
N3 ADN F . 14.82 -10.79 14.91
C4 ADN F . 14.98 -11.37 13.71
S SO4 G . -17.77 -1.51 -29.41
O1 SO4 G . -16.98 -2.63 -28.98
O2 SO4 G . -17.51 -1.30 -30.80
O3 SO4 G . -19.16 -1.81 -29.16
O4 SO4 G . -17.44 -0.32 -28.69
S SO4 H . -41.16 1.31 0.11
O1 SO4 H . -40.90 0.02 0.73
O2 SO4 H . -40.11 1.64 -0.80
O3 SO4 H . -42.42 1.30 -0.60
O4 SO4 H . -41.24 2.31 1.15
S SO4 I . -34.95 -13.98 -13.34
O1 SO4 I . -34.21 -15.11 -13.82
O2 SO4 I . -36.12 -14.44 -12.62
O3 SO4 I . -35.38 -13.17 -14.46
O4 SO4 I . -34.12 -13.19 -12.47
O5' ADN J . -9.85 10.52 -10.37
C5' ADN J . -10.43 10.95 -11.65
C4' ADN J . -11.36 9.92 -12.26
O4' ADN J . -12.64 9.95 -11.58
C3' ADN J . -11.73 10.10 -13.74
O3' ADN J . -10.71 9.78 -14.69
C2' ADN J . -13.04 9.28 -13.83
O2' ADN J . -13.00 7.86 -13.83
C1' ADN J . -13.69 9.68 -12.51
N9 ADN J . -14.54 10.86 -12.64
C8 ADN J . -14.27 12.16 -12.33
N7 ADN J . -15.26 12.99 -12.57
C5 ADN J . -16.26 12.16 -13.06
C6 ADN J . -17.57 12.43 -13.50
N6 ADN J . -18.11 13.65 -13.50
N1 ADN J . -18.32 11.38 -13.94
C2 ADN J . -17.77 10.16 -13.94
N3 ADN J . -16.55 9.79 -13.55
C4 ADN J . -15.83 10.85 -13.12
#